data_4M6Y
#
_entry.id   4M6Y
#
_cell.length_a   57.160
_cell.length_b   89.626
_cell.length_c   136.622
_cell.angle_alpha   90.00
_cell.angle_beta   90.00
_cell.angle_gamma   90.00
#
_symmetry.space_group_name_H-M   'P 21 21 21'
#
loop_
_entity.id
_entity.type
_entity.pdbx_description
1 polymer 'Methyltransferase MppJ'
2 non-polymer S-ADENOSYL-L-HOMOCYSTEINE
3 non-polymer '(3R)-2-oxo-3-phenylbutanoic acid'
4 non-polymer 'FE (III) ION'
5 non-polymer '(2R)-2-hydroxy-3-phenylpropanoic acid'
6 non-polymer 'CALCIUM ION'
7 non-polymer 'OXYGEN MOLECULE'
8 water water
#
_entity_poly.entity_id   1
_entity_poly.type   'polypeptide(L)'
_entity_poly.pdbx_seq_one_letter_code
;MGSSHHHHHHSSGLVPRGSHMSTEVSEAQARRAVADIFNSTLASSAIGAAWELGALDELRENGKLDVSDFAVRHDLHEPA
VVGMFTALASVGIVRREGATVVVGPYFDEANHHRSLFHWLNQGSGELFRRMPQVLPNENRTGKFYQRDAGAISYACREIS
ERYFDPAFWAAVDGLGYTPTTVADLGSGSGERLIQIARRFPGVRGLGVDIADGAIAMAEKEVAAKGFGDQISFVRGDART
IDQVSARGEFAEVDLLTCFMMGHLFWPRENCVQTLRKLRAAFPNVRRFLLGDATRTVGIPDRELPVFTLGFEFGHDMMGV
YLPTLDEWDGVFEEGGWRCVKKHAIDSLSVSVVFELE
;
_entity_poly.pdbx_strand_id   A,B
#
loop_
_chem_comp.id
_chem_comp.type
_chem_comp.name
_chem_comp.formula
56D non-polymer '(3R)-2-oxo-3-phenylbutanoic acid' 'C10 H10 O3'
CA non-polymer 'CALCIUM ION' 'Ca 2'
FE non-polymer 'FE (III) ION' 'Fe 3'
HF2 peptide-like '(2R)-2-hydroxy-3-phenylpropanoic acid' 'C9 H10 O3'
OXY non-polymer 'OXYGEN MOLECULE' O2
#
# COMPACT_ATOMS: atom_id res chain seq x y z
N THR A 23 -19.82 19.24 0.56
CA THR A 23 -19.05 19.64 -0.66
C THR A 23 -18.29 20.97 -0.52
N GLU A 24 -18.73 21.85 0.40
CA GLU A 24 -18.08 23.15 0.66
C GLU A 24 -17.24 23.10 1.92
N VAL A 25 -15.94 23.33 1.77
CA VAL A 25 -15.00 23.35 2.91
C VAL A 25 -13.94 24.44 2.71
N SER A 26 -13.27 24.84 3.79
CA SER A 26 -12.16 25.76 3.67
C SER A 26 -10.96 25.06 3.01
N GLU A 27 -10.03 25.86 2.49
CA GLU A 27 -8.81 25.29 1.91
C GLU A 27 -7.98 24.55 2.96
N ALA A 28 -8.13 24.93 4.23
CA ALA A 28 -7.39 24.32 5.35
C ALA A 28 -7.97 22.99 5.81
N GLN A 29 -9.28 22.84 5.68
CA GLN A 29 -9.91 21.58 6.01
C GLN A 29 -9.46 20.55 4.99
N ALA A 30 -9.48 20.98 3.73
CA ALA A 30 -9.05 20.17 2.60
C ALA A 30 -7.58 19.73 2.73
N ARG A 31 -6.69 20.63 3.07
CA ARG A 31 -5.29 20.27 3.32
C ARG A 31 -5.24 19.18 4.40
N ARG A 32 -5.93 19.42 5.51
CA ARG A 32 -5.89 18.49 6.63
C ARG A 32 -6.44 17.10 6.28
N ALA A 33 -7.55 17.06 5.53
CA ALA A 33 -8.17 15.79 5.19
C ALA A 33 -7.30 14.96 4.25
N VAL A 34 -6.74 15.62 3.22
CA VAL A 34 -5.80 14.97 2.28
C VAL A 34 -4.50 14.52 2.96
N ALA A 35 -4.01 15.33 3.90
CA ALA A 35 -2.88 14.92 4.72
C ALA A 35 -3.22 13.68 5.55
N ASP A 36 -4.46 13.62 6.03
CA ASP A 36 -4.88 12.46 6.82
C ASP A 36 -4.96 11.20 5.98
N ILE A 37 -5.47 11.34 4.77
CA ILE A 37 -5.56 10.22 3.87
C ILE A 37 -4.16 9.70 3.54
N PHE A 38 -3.25 10.63 3.27
CA PHE A 38 -1.88 10.27 3.00
C PHE A 38 -1.32 9.52 4.20
N ASN A 39 -1.41 10.11 5.38
CA ASN A 39 -0.84 9.49 6.56
C ASN A 39 -1.52 8.18 6.92
N SER A 40 -2.85 8.10 6.77
CA SER A 40 -3.57 6.87 7.03
C SER A 40 -2.98 5.70 6.25
N THR A 41 -2.61 5.95 5.00
CA THR A 41 -1.97 4.93 4.20
C THR A 41 -0.82 4.29 4.99
N LEU A 42 0.03 5.11 5.59
CA LEU A 42 1.19 4.59 6.30
C LEU A 42 0.79 4.02 7.66
N ALA A 43 -0.25 4.60 8.24
CA ALA A 43 -0.80 4.03 9.47
C ALA A 43 -1.33 2.62 9.19
N SER A 44 -2.08 2.50 8.10
CA SER A 44 -2.76 1.27 7.75
C SER A 44 -1.76 0.13 7.67
N SER A 45 -0.68 0.42 6.98
CA SER A 45 0.37 -0.54 6.78
C SER A 45 1.07 -0.85 8.10
N ALA A 46 1.26 0.17 8.93
CA ALA A 46 1.94 -0.03 10.20
C ALA A 46 1.19 -0.94 11.16
N ILE A 47 -0.14 -0.88 11.12
CA ILE A 47 -0.96 -1.68 12.05
C ILE A 47 -0.66 -3.17 11.90
N GLY A 48 -0.70 -3.64 10.66
CA GLY A 48 -0.30 -5.00 10.36
C GLY A 48 1.14 -5.30 10.78
N ALA A 49 2.06 -4.38 10.52
CA ALA A 49 3.45 -4.62 10.90
C ALA A 49 3.57 -4.70 12.40
N ALA A 50 2.95 -3.74 13.09
CA ALA A 50 3.01 -3.70 14.53
C ALA A 50 2.45 -5.00 15.13
N TRP A 51 1.27 -5.42 14.65
CA TRP A 51 0.69 -6.70 15.08
C TRP A 51 1.76 -7.77 14.95
N GLU A 52 2.28 -7.92 13.75
CA GLU A 52 3.24 -8.97 13.44
C GLU A 52 4.50 -8.99 14.30
N LEU A 53 5.01 -7.81 14.62
CA LEU A 53 6.32 -7.65 15.29
C LEU A 53 6.24 -7.64 16.82
N GLY A 54 5.03 -7.73 17.35
CA GLY A 54 4.78 -7.86 18.78
C GLY A 54 4.28 -6.60 19.46
N ALA A 55 4.17 -5.51 18.71
CA ALA A 55 3.98 -4.18 19.32
C ALA A 55 2.58 -3.98 19.81
N LEU A 56 1.60 -4.49 19.09
CA LEU A 56 0.21 -4.30 19.52
C LEU A 56 -0.10 -5.15 20.76
N ASP A 57 0.30 -6.42 20.73
CA ASP A 57 0.18 -7.31 21.89
C ASP A 57 0.83 -6.69 23.15
N GLU A 58 2.05 -6.19 22.99
CA GLU A 58 2.74 -5.48 24.06
C GLU A 58 2.06 -4.19 24.52
N LEU A 59 1.29 -3.53 23.66
CA LEU A 59 0.52 -2.33 24.08
C LEU A 59 -0.86 -2.68 24.65
N ARG A 60 -1.40 -3.86 24.31
CA ARG A 60 -2.65 -4.30 24.91
C ARG A 60 -2.41 -4.56 26.40
N GLU A 61 -1.35 -5.31 26.69
CA GLU A 61 -1.01 -5.71 28.07
C GLU A 61 -0.64 -4.53 28.98
N ASN A 62 0.33 -3.74 28.55
CA ASN A 62 0.97 -2.80 29.44
C ASN A 62 0.51 -1.37 29.26
N GLY A 63 -0.34 -1.12 28.27
CA GLY A 63 -0.76 0.23 27.92
C GLY A 63 0.36 1.15 27.43
N LYS A 64 1.58 0.61 27.37
CA LYS A 64 2.72 1.40 26.95
C LYS A 64 3.89 0.52 26.56
N LEU A 65 4.90 1.17 26.01
CA LEU A 65 6.03 0.48 25.43
C LEU A 65 7.11 1.53 25.19
N ASP A 66 8.37 1.10 25.24
CA ASP A 66 9.50 1.97 25.02
C ASP A 66 10.19 1.53 23.74
N VAL A 67 10.43 2.47 22.83
CA VAL A 67 10.78 2.08 21.47
C VAL A 67 12.20 1.55 21.41
N SER A 68 13.08 2.19 22.20
CA SER A 68 14.47 1.74 22.34
C SER A 68 14.47 0.32 22.90
N ASP A 69 13.81 0.17 24.04
CA ASP A 69 13.64 -1.12 24.66
C ASP A 69 13.08 -2.12 23.63
N PHE A 70 11.99 -1.72 22.96
CA PHE A 70 11.32 -2.58 22.00
C PHE A 70 12.25 -2.95 20.85
N ALA A 71 12.81 -1.94 20.19
CA ALA A 71 13.70 -2.18 19.04
C ALA A 71 14.75 -3.22 19.40
N VAL A 72 15.38 -3.02 20.56
CA VAL A 72 16.46 -3.88 21.04
C VAL A 72 15.97 -5.32 21.24
N ARG A 73 14.91 -5.49 22.04
CA ARG A 73 14.37 -6.84 22.27
C ARG A 73 14.13 -7.59 20.96
N HIS A 74 13.61 -6.91 19.95
CA HIS A 74 13.24 -7.56 18.69
C HIS A 74 14.33 -7.49 17.60
N ASP A 75 15.46 -6.85 17.90
CA ASP A 75 16.58 -6.69 16.96
C ASP A 75 16.12 -5.99 15.66
N LEU A 76 15.55 -4.80 15.86
CA LEU A 76 15.00 -4.00 14.79
C LEU A 76 15.72 -2.66 14.74
N HIS A 77 15.85 -2.14 13.52
CA HIS A 77 16.41 -0.82 13.23
C HIS A 77 15.56 0.30 13.80
N GLU A 78 16.02 0.90 14.89
CA GLU A 78 15.21 1.81 15.71
C GLU A 78 14.61 3.00 14.96
N PRO A 79 15.34 3.57 14.01
CA PRO A 79 14.75 4.72 13.31
C PRO A 79 13.50 4.34 12.50
N ALA A 80 13.51 3.15 11.90
CA ALA A 80 12.34 2.56 11.24
C ALA A 80 11.24 2.18 12.24
N VAL A 81 11.64 1.79 13.44
CA VAL A 81 10.70 1.52 14.49
C VAL A 81 10.01 2.82 14.89
N VAL A 82 10.76 3.91 15.02
CA VAL A 82 10.15 5.23 15.36
C VAL A 82 9.18 5.69 14.26
N GLY A 83 9.56 5.48 13.00
CA GLY A 83 8.68 5.81 11.89
C GLY A 83 7.36 5.07 12.01
N MET A 84 7.46 3.75 12.20
CA MET A 84 6.29 2.92 12.36
C MET A 84 5.35 3.53 13.39
N PHE A 85 5.86 3.85 14.57
CA PHE A 85 5.02 4.41 15.65
C PHE A 85 4.55 5.84 15.37
N THR A 86 5.32 6.59 14.61
CA THR A 86 4.88 7.93 14.21
C THR A 86 3.70 7.86 13.22
N ALA A 87 3.72 6.88 12.33
CA ALA A 87 2.59 6.67 11.44
C ALA A 87 1.33 6.40 12.26
N LEU A 88 1.44 5.53 13.26
CA LEU A 88 0.30 5.12 14.10
C LEU A 88 -0.10 6.27 14.99
N ALA A 89 0.88 7.01 15.49
CA ALA A 89 0.57 8.22 16.21
C ALA A 89 -0.10 9.27 15.33
N SER A 90 0.23 9.28 14.05
CA SER A 90 -0.28 10.34 13.14
C SER A 90 -1.80 10.30 12.90
N VAL A 91 -2.44 9.20 13.28
CA VAL A 91 -3.90 9.12 13.15
C VAL A 91 -4.58 8.70 14.45
N GLY A 92 -3.86 8.76 15.57
CA GLY A 92 -4.48 8.62 16.89
C GLY A 92 -4.66 7.20 17.37
N ILE A 93 -3.88 6.28 16.83
CA ILE A 93 -3.93 4.91 17.29
C ILE A 93 -3.05 4.78 18.51
N VAL A 94 -1.93 5.51 18.51
CA VAL A 94 -1.07 5.66 19.68
C VAL A 94 -0.65 7.10 19.81
N ARG A 95 -0.10 7.43 20.98
CA ARG A 95 0.48 8.75 21.26
C ARG A 95 1.92 8.57 21.71
N ARG A 96 2.76 9.49 21.27
CA ARG A 96 4.18 9.41 21.58
C ARG A 96 4.59 10.44 22.62
N GLU A 97 5.34 9.97 23.62
CA GLU A 97 5.89 10.83 24.65
C GLU A 97 7.37 10.49 24.69
N GLY A 98 8.13 11.20 23.86
CA GLY A 98 9.50 10.80 23.54
C GLY A 98 9.53 9.35 23.11
N ALA A 99 10.47 8.58 23.67
CA ALA A 99 10.61 7.17 23.33
C ALA A 99 9.54 6.26 23.95
N THR A 100 8.51 6.86 24.53
CA THR A 100 7.47 6.13 25.25
C THR A 100 6.16 6.22 24.46
N VAL A 101 5.75 5.07 23.91
CA VAL A 101 4.48 4.98 23.18
C VAL A 101 3.42 4.52 24.16
N VAL A 102 2.30 5.24 24.16
CA VAL A 102 1.13 4.93 24.98
C VAL A 102 -0.07 4.70 24.06
N VAL A 103 -0.95 3.77 24.41
CA VAL A 103 -2.08 3.46 23.54
C VAL A 103 -2.82 4.75 23.27
N GLY A 104 -3.41 4.86 22.08
CA GLY A 104 -4.09 6.10 21.68
C GLY A 104 -5.58 5.92 21.78
N PRO A 105 -6.34 6.98 21.46
CA PRO A 105 -7.80 6.91 21.54
C PRO A 105 -8.44 5.88 20.63
N TYR A 106 -7.74 5.47 19.57
CA TYR A 106 -8.31 4.51 18.65
C TYR A 106 -7.61 3.18 18.76
N PHE A 107 -6.80 2.99 19.79
CA PHE A 107 -6.03 1.76 19.88
C PHE A 107 -6.87 0.48 19.93
N ASP A 108 -7.93 0.49 20.72
CA ASP A 108 -8.75 -0.72 20.90
C ASP A 108 -9.42 -1.14 19.60
N GLU A 109 -10.04 -0.20 18.93
CA GLU A 109 -10.69 -0.47 17.68
C GLU A 109 -9.67 -0.93 16.62
N ALA A 110 -8.55 -0.23 16.50
CA ALA A 110 -7.55 -0.60 15.49
C ALA A 110 -6.95 -1.96 15.79
N ASN A 111 -6.62 -2.19 17.07
CA ASN A 111 -6.07 -3.47 17.49
C ASN A 111 -7.06 -4.60 17.26
N HIS A 112 -8.35 -4.31 17.49
CA HIS A 112 -9.40 -5.29 17.22
C HIS A 112 -9.37 -5.76 15.75
N HIS A 113 -9.28 -4.82 14.83
CA HIS A 113 -9.32 -5.14 13.40
C HIS A 113 -7.93 -5.24 12.77
N ARG A 114 -6.91 -5.37 13.61
CA ARG A 114 -5.55 -5.40 13.12
C ARG A 114 -5.38 -6.39 11.96
N SER A 115 -6.01 -7.55 12.04
CA SER A 115 -5.84 -8.59 11.01
C SER A 115 -6.46 -8.18 9.67
N LEU A 116 -7.46 -7.30 9.71
CA LEU A 116 -8.03 -6.76 8.49
C LEU A 116 -7.06 -5.80 7.80
N PHE A 117 -6.39 -4.99 8.60
CA PHE A 117 -5.36 -4.11 8.06
C PHE A 117 -4.21 -4.93 7.49
N HIS A 118 -3.81 -5.96 8.24
CA HIS A 118 -2.80 -6.89 7.75
C HIS A 118 -3.14 -7.42 6.36
N TRP A 119 -4.36 -7.94 6.23
CA TRP A 119 -4.91 -8.48 5.00
C TRP A 119 -4.78 -7.46 3.88
N LEU A 120 -5.15 -6.23 4.17
CA LEU A 120 -5.23 -5.18 3.13
C LEU A 120 -3.87 -4.83 2.56
N ASN A 121 -2.91 -4.70 3.47
CA ASN A 121 -1.60 -4.24 3.11
C ASN A 121 -0.60 -5.35 2.88
N GLN A 122 -0.19 -6.03 3.95
CA GLN A 122 0.77 -7.13 3.84
C GLN A 122 0.20 -8.24 2.97
N GLY A 123 -1.03 -8.66 3.22
CA GLY A 123 -1.67 -9.66 2.35
C GLY A 123 -1.85 -9.22 0.90
N SER A 124 -2.60 -8.14 0.69
CA SER A 124 -3.11 -7.79 -0.63
C SER A 124 -2.53 -6.47 -1.19
N GLY A 125 -1.50 -5.93 -0.57
CA GLY A 125 -0.89 -4.70 -1.06
C GLY A 125 -0.53 -4.63 -2.53
N GLU A 126 0.17 -5.65 -3.04
CA GLU A 126 0.58 -5.72 -4.46
C GLU A 126 -0.56 -5.68 -5.46
N LEU A 127 -1.73 -6.19 -5.08
CA LEU A 127 -2.91 -6.06 -5.92
C LEU A 127 -3.32 -4.59 -6.07
N PHE A 128 -3.52 -3.93 -4.96
CA PHE A 128 -4.04 -2.56 -4.99
C PHE A 128 -3.02 -1.57 -5.51
N ARG A 129 -1.74 -1.88 -5.32
CA ARG A 129 -0.66 -1.06 -5.82
C ARG A 129 -0.74 -0.99 -7.36
N ARG A 130 -0.99 -2.14 -8.00
CA ARG A 130 -0.98 -2.24 -9.44
C ARG A 130 -2.34 -1.96 -10.09
N MET A 131 -3.17 -1.17 -9.42
CA MET A 131 -4.45 -0.73 -9.97
C MET A 131 -4.32 -0.20 -11.40
N PRO A 132 -3.26 0.58 -11.70
CA PRO A 132 -3.11 1.06 -13.10
C PRO A 132 -2.83 -0.06 -14.11
N GLN A 133 -2.15 -1.10 -13.70
CA GLN A 133 -1.83 -2.21 -14.59
C GLN A 133 -2.95 -3.26 -14.61
N VAL A 134 -3.74 -3.32 -13.55
CA VAL A 134 -4.72 -4.40 -13.35
C VAL A 134 -6.09 -4.09 -13.97
N LEU A 135 -6.43 -2.81 -14.15
CA LEU A 135 -7.75 -2.46 -14.70
C LEU A 135 -7.90 -2.56 -16.24
N PRO A 136 -6.83 -2.30 -16.99
CA PRO A 136 -6.95 -2.39 -18.46
C PRO A 136 -7.26 -3.81 -18.96
N ASN A 137 -8.41 -3.99 -19.62
CA ASN A 137 -8.89 -5.34 -19.96
C ASN A 137 -7.81 -6.15 -20.65
N GLU A 138 -7.13 -5.51 -21.60
CA GLU A 138 -6.03 -6.16 -22.31
C GLU A 138 -5.08 -6.92 -21.40
N ASN A 139 -4.78 -6.37 -20.23
CA ASN A 139 -3.85 -7.01 -19.30
C ASN A 139 -4.45 -8.19 -18.55
N ARG A 140 -5.77 -8.32 -18.60
CA ARG A 140 -6.47 -9.27 -17.76
C ARG A 140 -6.48 -10.68 -18.34
N THR A 141 -5.29 -11.22 -18.49
CA THR A 141 -5.10 -12.61 -18.89
C THR A 141 -3.88 -13.15 -18.12
N GLY A 142 -3.94 -14.41 -17.69
CA GLY A 142 -2.80 -15.03 -17.01
C GLY A 142 -2.72 -14.67 -15.54
N LYS A 143 -1.50 -14.62 -15.03
CA LYS A 143 -1.28 -14.23 -13.65
C LYS A 143 -1.07 -12.73 -13.65
N PHE A 144 -2.18 -12.01 -13.83
CA PHE A 144 -2.11 -10.56 -13.96
C PHE A 144 -2.01 -9.84 -12.62
N TYR A 145 -2.27 -10.54 -11.52
CA TYR A 145 -2.06 -9.96 -10.19
C TYR A 145 -1.34 -10.91 -9.28
N GLN A 146 -0.88 -10.36 -8.17
CA GLN A 146 -0.04 -11.09 -7.26
C GLN A 146 -0.52 -10.75 -5.87
N ARG A 147 -0.56 -11.76 -5.00
CA ARG A 147 -0.71 -11.54 -3.57
C ARG A 147 0.21 -12.47 -2.78
N ASP A 148 0.47 -12.07 -1.54
CA ASP A 148 1.37 -12.77 -0.64
C ASP A 148 0.59 -13.83 0.11
N ALA A 149 0.60 -15.04 -0.46
CA ALA A 149 -0.05 -16.23 0.15
C ALA A 149 0.33 -16.42 1.62
N GLY A 150 1.62 -16.30 1.93
CA GLY A 150 2.09 -16.46 3.30
C GLY A 150 1.41 -15.43 4.18
N ALA A 151 1.37 -14.18 3.68
CA ALA A 151 0.86 -13.07 4.45
C ALA A 151 -0.62 -13.23 4.66
N ILE A 152 -1.32 -13.47 3.56
CA ILE A 152 -2.75 -13.67 3.60
C ILE A 152 -3.09 -14.77 4.60
N SER A 153 -2.46 -15.93 4.43
CA SER A 153 -2.67 -17.07 5.32
C SER A 153 -2.49 -16.67 6.77
N TYR A 154 -1.42 -15.93 7.04
CA TYR A 154 -1.12 -15.40 8.39
C TYR A 154 -2.25 -14.54 8.96
N ALA A 155 -2.85 -13.70 8.13
CA ALA A 155 -3.97 -12.86 8.57
C ALA A 155 -5.28 -13.61 8.74
N CYS A 156 -5.52 -14.63 7.89
CA CYS A 156 -6.80 -15.37 7.89
C CYS A 156 -6.93 -16.21 9.20
N ARG A 157 -5.81 -16.69 9.73
CA ARG A 157 -5.78 -17.33 11.05
C ARG A 157 -6.54 -16.52 12.08
N GLU A 158 -6.23 -15.22 12.20
CA GLU A 158 -6.89 -14.38 13.20
C GLU A 158 -8.28 -13.96 12.77
N ILE A 159 -8.47 -13.72 11.48
CA ILE A 159 -9.78 -13.29 10.97
C ILE A 159 -10.76 -14.40 11.31
N SER A 160 -10.33 -15.63 11.02
CA SER A 160 -11.10 -16.82 11.35
C SER A 160 -11.46 -16.86 12.82
N GLU A 161 -10.46 -16.74 13.66
CA GLU A 161 -10.66 -16.85 15.10
C GLU A 161 -11.41 -15.65 15.67
N ARG A 162 -11.05 -14.43 15.25
CA ARG A 162 -11.65 -13.25 15.88
C ARG A 162 -13.10 -13.00 15.45
N TYR A 163 -13.42 -13.25 14.20
CA TYR A 163 -14.73 -12.86 13.66
C TYR A 163 -15.72 -14.03 13.48
N PHE A 164 -15.23 -15.21 13.14
CA PHE A 164 -16.14 -16.33 12.85
C PHE A 164 -16.37 -17.33 13.98
N ASP A 165 -15.43 -17.42 14.92
CA ASP A 165 -15.52 -18.44 15.98
C ASP A 165 -16.80 -18.42 16.78
N PRO A 166 -17.19 -17.25 17.29
CA PRO A 166 -18.42 -17.27 18.08
C PRO A 166 -19.58 -17.93 17.33
N ALA A 167 -19.89 -17.45 16.12
CA ALA A 167 -20.96 -18.07 15.32
C ALA A 167 -20.62 -19.52 15.00
N PHE A 168 -19.34 -19.79 14.77
CA PHE A 168 -18.92 -21.16 14.47
C PHE A 168 -19.22 -22.13 15.62
N TRP A 169 -18.84 -21.75 16.84
CA TRP A 169 -19.07 -22.63 18.00
C TRP A 169 -20.53 -22.68 18.44
N ALA A 170 -21.26 -21.58 18.29
CA ALA A 170 -22.71 -21.61 18.44
C ALA A 170 -23.33 -22.64 17.50
N ALA A 171 -22.90 -22.66 16.25
CA ALA A 171 -23.43 -23.64 15.33
C ALA A 171 -23.08 -25.07 15.73
N VAL A 172 -21.89 -25.28 16.29
CA VAL A 172 -21.47 -26.61 16.70
C VAL A 172 -22.31 -27.06 17.91
N ASP A 173 -22.50 -26.17 18.87
CA ASP A 173 -23.39 -26.41 20.04
C ASP A 173 -24.82 -26.85 19.63
N GLY A 174 -25.42 -26.18 18.64
CA GLY A 174 -26.78 -26.51 18.17
C GLY A 174 -26.84 -27.38 16.91
N LEU A 175 -25.80 -28.18 16.67
CA LEU A 175 -25.83 -29.15 15.60
C LEU A 175 -27.02 -30.12 15.66
N GLY A 176 -27.36 -30.57 16.86
CA GLY A 176 -28.36 -31.60 17.04
C GLY A 176 -27.78 -33.00 16.99
N TYR A 177 -26.45 -33.09 16.90
CA TYR A 177 -25.74 -34.36 16.98
C TYR A 177 -24.28 -34.07 17.23
N THR A 178 -23.52 -35.12 17.45
CA THR A 178 -22.09 -35.05 17.68
C THR A 178 -21.38 -35.69 16.50
N PRO A 179 -20.47 -34.95 15.86
CA PRO A 179 -19.83 -35.49 14.66
C PRO A 179 -18.91 -36.65 14.97
N THR A 180 -18.80 -37.57 14.02
CA THR A 180 -17.81 -38.64 14.08
C THR A 180 -16.68 -38.44 13.07
N THR A 181 -17.00 -37.90 11.88
CA THR A 181 -15.98 -37.58 10.89
C THR A 181 -16.32 -36.26 10.20
N VAL A 182 -15.43 -35.26 10.34
CA VAL A 182 -15.65 -33.91 9.76
C VAL A 182 -14.68 -33.63 8.63
N ALA A 183 -15.19 -32.98 7.58
CA ALA A 183 -14.35 -32.52 6.49
C ALA A 183 -14.44 -31.00 6.43
N ASP A 184 -13.27 -30.39 6.26
CA ASP A 184 -13.14 -28.94 6.21
C ASP A 184 -12.52 -28.57 4.86
N LEU A 185 -13.26 -27.73 4.14
CA LEU A 185 -12.90 -27.28 2.81
C LEU A 185 -12.18 -25.93 2.88
N GLY A 186 -10.98 -25.89 2.31
CA GLY A 186 -10.11 -24.75 2.47
C GLY A 186 -9.56 -24.78 3.88
N SER A 187 -9.00 -25.95 4.23
CA SER A 187 -8.57 -26.27 5.60
C SER A 187 -7.43 -25.40 6.11
N GLY A 188 -6.58 -24.94 5.20
CA GLY A 188 -5.55 -23.94 5.53
C GLY A 188 -4.51 -24.44 6.51
N SER A 189 -4.39 -23.73 7.64
CA SER A 189 -3.50 -24.14 8.75
C SER A 189 -3.89 -25.46 9.43
N GLY A 190 -5.13 -25.90 9.26
CA GLY A 190 -5.64 -27.09 9.95
C GLY A 190 -6.18 -26.77 11.33
N GLU A 191 -6.20 -25.51 11.71
CA GLU A 191 -6.60 -25.16 13.06
C GLU A 191 -8.08 -25.46 13.37
N ARG A 192 -8.96 -25.26 12.39
CA ARG A 192 -10.37 -25.60 12.62
C ARG A 192 -10.54 -27.06 12.96
N LEU A 193 -9.86 -27.94 12.25
CA LEU A 193 -9.98 -29.37 12.52
C LEU A 193 -9.33 -29.74 13.87
N ILE A 194 -8.25 -29.06 14.21
CA ILE A 194 -7.60 -29.27 15.49
C ILE A 194 -8.53 -28.92 16.65
N GLN A 195 -9.16 -27.77 16.56
CA GLN A 195 -10.08 -27.36 17.60
C GLN A 195 -11.26 -28.31 17.66
N ILE A 196 -11.70 -28.83 16.53
CA ILE A 196 -12.82 -29.75 16.51
C ILE A 196 -12.45 -31.03 17.25
N ALA A 197 -11.24 -31.52 16.98
CA ALA A 197 -10.70 -32.67 17.71
C ALA A 197 -10.51 -32.39 19.21
N ARG A 198 -10.09 -31.19 19.58
CA ARG A 198 -9.99 -30.83 21.00
C ARG A 198 -11.37 -30.97 21.70
N ARG A 199 -12.42 -30.45 21.05
CA ARG A 199 -13.81 -30.50 21.54
C ARG A 199 -14.45 -31.91 21.49
N PHE A 200 -14.13 -32.68 20.45
CA PHE A 200 -14.68 -34.01 20.25
C PHE A 200 -13.55 -35.00 20.10
N PRO A 201 -13.05 -35.54 21.22
CA PRO A 201 -11.78 -36.26 21.16
C PRO A 201 -11.76 -37.50 20.28
N GLY A 202 -12.90 -38.13 20.03
CA GLY A 202 -12.91 -39.32 19.18
C GLY A 202 -13.05 -39.06 17.69
N VAL A 203 -13.12 -37.78 17.30
CA VAL A 203 -13.54 -37.42 15.94
C VAL A 203 -12.40 -37.66 14.92
N ARG A 204 -12.72 -38.14 13.73
CA ARG A 204 -11.75 -38.21 12.63
C ARG A 204 -11.86 -36.95 11.81
N GLY A 205 -10.73 -36.47 11.30
CA GLY A 205 -10.64 -35.16 10.64
C GLY A 205 -10.04 -35.22 9.26
N LEU A 206 -10.57 -34.40 8.35
CA LEU A 206 -10.16 -34.45 6.95
C LEU A 206 -10.24 -33.04 6.34
N GLY A 207 -9.08 -32.55 5.90
CA GLY A 207 -8.92 -31.23 5.30
C GLY A 207 -8.64 -31.32 3.82
N VAL A 208 -9.36 -30.53 3.04
CA VAL A 208 -9.07 -30.33 1.64
C VAL A 208 -8.58 -28.89 1.43
N ASP A 209 -7.39 -28.73 0.86
CA ASP A 209 -6.97 -27.40 0.42
C ASP A 209 -6.35 -27.52 -0.95
N ILE A 210 -6.47 -26.49 -1.77
CA ILE A 210 -5.96 -26.56 -3.14
C ILE A 210 -4.46 -26.26 -3.21
N ALA A 211 -3.87 -25.92 -2.07
CA ALA A 211 -2.52 -25.39 -2.02
C ALA A 211 -1.63 -26.34 -1.25
N ASP A 212 -0.55 -26.76 -1.90
CA ASP A 212 0.42 -27.68 -1.30
C ASP A 212 1.01 -27.12 -0.02
N GLY A 213 1.16 -25.80 0.00
CA GLY A 213 1.72 -25.10 1.15
C GLY A 213 0.86 -25.16 2.40
N ALA A 214 -0.46 -25.08 2.22
CA ALA A 214 -1.40 -25.23 3.32
C ALA A 214 -1.38 -26.64 3.86
N ILE A 215 -1.43 -27.58 2.93
CA ILE A 215 -1.42 -28.99 3.26
C ILE A 215 -0.20 -29.30 4.10
N ALA A 216 0.98 -28.91 3.61
CA ALA A 216 2.23 -29.24 4.28
C ALA A 216 2.27 -28.61 5.67
N MET A 217 1.86 -27.35 5.78
CA MET A 217 1.83 -26.64 7.06
C MET A 217 0.91 -27.33 8.05
N ALA A 218 -0.27 -27.72 7.57
CA ALA A 218 -1.31 -28.31 8.41
C ALA A 218 -0.90 -29.69 8.92
N GLU A 219 -0.39 -30.54 8.02
CA GLU A 219 0.21 -31.84 8.34
C GLU A 219 1.28 -31.70 9.42
N LYS A 220 2.10 -30.66 9.31
CA LYS A 220 3.10 -30.34 10.32
C LYS A 220 2.43 -30.13 11.68
N GLU A 221 1.49 -29.18 11.72
CA GLU A 221 0.91 -28.72 12.96
C GLU A 221 0.19 -29.89 13.64
N VAL A 222 -0.68 -30.55 12.89
CA VAL A 222 -1.41 -31.73 13.34
C VAL A 222 -0.48 -32.82 13.91
N ALA A 223 0.61 -33.11 13.21
CA ALA A 223 1.62 -34.04 13.71
C ALA A 223 2.27 -33.53 15.02
N ALA A 224 2.71 -32.27 15.01
CA ALA A 224 3.36 -31.68 16.17
C ALA A 224 2.49 -31.76 17.41
N LYS A 225 1.19 -31.56 17.24
CA LYS A 225 0.31 -31.43 18.38
C LYS A 225 -0.18 -32.77 18.93
N GLY A 226 0.09 -33.86 18.19
CA GLY A 226 -0.32 -35.20 18.60
C GLY A 226 -1.60 -35.74 17.96
N PHE A 227 -2.05 -35.10 16.88
CA PHE A 227 -3.30 -35.47 16.19
C PHE A 227 -3.05 -36.17 14.86
N GLY A 228 -1.83 -36.63 14.61
CA GLY A 228 -1.48 -37.25 13.33
C GLY A 228 -2.31 -38.48 13.01
N ASP A 229 -2.82 -39.11 14.07
CA ASP A 229 -3.70 -40.26 13.94
C ASP A 229 -5.13 -39.87 13.48
N GLN A 230 -5.65 -38.76 14.00
CA GLN A 230 -7.05 -38.38 13.80
C GLN A 230 -7.31 -37.54 12.55
N ILE A 231 -6.35 -36.70 12.19
CA ILE A 231 -6.59 -35.68 11.19
C ILE A 231 -5.60 -35.86 10.06
N SER A 232 -6.11 -35.88 8.84
CA SER A 232 -5.29 -36.10 7.65
C SER A 232 -5.77 -35.16 6.54
N PHE A 233 -5.05 -35.09 5.42
CA PHE A 233 -5.28 -34.03 4.42
C PHE A 233 -5.12 -34.49 2.98
N VAL A 234 -5.90 -33.87 2.10
CA VAL A 234 -5.79 -34.13 0.68
C VAL A 234 -5.78 -32.82 -0.10
N ARG A 235 -4.96 -32.80 -1.15
CA ARG A 235 -4.81 -31.61 -1.97
C ARG A 235 -5.99 -31.67 -2.91
N GLY A 236 -6.75 -30.58 -3.04
CA GLY A 236 -7.96 -30.61 -3.85
C GLY A 236 -8.61 -29.26 -4.09
N ASP A 237 -9.38 -29.19 -5.17
CA ASP A 237 -10.14 -27.99 -5.50
C ASP A 237 -11.60 -28.23 -5.15
N ALA A 238 -12.08 -27.52 -4.12
CA ALA A 238 -13.45 -27.75 -3.59
C ALA A 238 -14.54 -27.44 -4.61
N ARG A 239 -14.22 -26.60 -5.60
CA ARG A 239 -15.14 -26.33 -6.68
C ARG A 239 -15.47 -27.58 -7.49
N THR A 240 -14.51 -28.49 -7.61
CA THR A 240 -14.71 -29.73 -8.33
C THR A 240 -14.39 -30.88 -7.38
N ILE A 241 -15.08 -30.84 -6.24
CA ILE A 241 -14.86 -31.76 -5.12
C ILE A 241 -15.09 -33.19 -5.57
N ASP A 242 -15.99 -33.33 -6.55
CA ASP A 242 -16.28 -34.61 -7.16
C ASP A 242 -15.09 -35.28 -7.83
N GLN A 243 -14.00 -34.55 -8.05
CA GLN A 243 -12.80 -35.14 -8.68
C GLN A 243 -11.73 -35.53 -7.68
N VAL A 244 -11.95 -35.27 -6.40
CA VAL A 244 -10.95 -35.55 -5.39
C VAL A 244 -11.03 -37.01 -4.96
N SER A 245 -9.94 -37.76 -5.16
CA SER A 245 -9.89 -39.20 -4.90
C SER A 245 -10.20 -39.55 -3.43
N ALA A 246 -9.34 -39.13 -2.50
CA ALA A 246 -9.60 -39.17 -1.03
C ALA A 246 -9.74 -40.54 -0.32
N ARG A 247 -9.65 -41.65 -1.07
CA ARG A 247 -9.64 -43.01 -0.50
C ARG A 247 -11.01 -43.52 0.00
N GLY A 248 -12.10 -42.94 -0.51
CA GLY A 248 -13.46 -43.31 -0.09
C GLY A 248 -13.94 -42.73 1.24
N GLU A 249 -13.09 -41.94 1.90
CA GLU A 249 -13.38 -41.37 3.22
C GLU A 249 -14.54 -40.36 3.22
N PHE A 250 -14.80 -39.71 2.09
CA PHE A 250 -15.90 -38.73 1.98
C PHE A 250 -17.27 -39.30 2.36
N ALA A 251 -17.46 -40.60 2.14
CA ALA A 251 -18.69 -41.30 2.51
C ALA A 251 -18.94 -41.32 4.03
N GLU A 252 -17.88 -41.34 4.82
CA GLU A 252 -18.03 -41.46 6.27
C GLU A 252 -18.29 -40.12 6.93
N VAL A 253 -18.11 -39.03 6.18
CA VAL A 253 -18.21 -37.68 6.73
C VAL A 253 -19.64 -37.30 7.07
N ASP A 254 -19.87 -36.88 8.32
CA ASP A 254 -21.21 -36.48 8.73
C ASP A 254 -21.30 -34.97 9.11
N LEU A 255 -20.18 -34.26 9.05
CA LEU A 255 -20.14 -32.80 9.30
C LEU A 255 -19.22 -32.16 8.30
N LEU A 256 -19.73 -31.18 7.57
CA LEU A 256 -18.93 -30.47 6.57
C LEU A 256 -18.79 -29.02 6.99
N THR A 257 -17.56 -28.51 6.96
CA THR A 257 -17.28 -27.10 7.25
C THR A 257 -16.62 -26.44 6.05
N CYS A 258 -16.90 -25.16 5.85
CA CYS A 258 -16.26 -24.39 4.80
C CYS A 258 -16.34 -22.92 5.16
N PHE A 259 -15.19 -22.32 5.44
CA PHE A 259 -15.17 -20.94 5.93
C PHE A 259 -14.25 -20.08 5.08
N MET A 260 -14.79 -18.98 4.59
CA MET A 260 -14.03 -17.94 3.93
C MET A 260 -13.55 -18.26 2.52
N MET A 261 -14.19 -19.21 1.85
CA MET A 261 -13.88 -19.48 0.44
C MET A 261 -15.09 -19.71 -0.45
N GLY A 262 -16.29 -19.66 0.13
CA GLY A 262 -17.51 -20.03 -0.57
C GLY A 262 -17.78 -19.17 -1.78
N HIS A 263 -17.37 -17.90 -1.71
CA HIS A 263 -17.62 -16.98 -2.83
C HIS A 263 -16.90 -17.49 -4.06
N LEU A 264 -15.80 -18.20 -3.91
CA LEU A 264 -15.13 -18.82 -5.04
C LEU A 264 -15.98 -19.89 -5.79
N PHE A 265 -17.10 -20.33 -5.23
CA PHE A 265 -18.02 -21.22 -5.94
C PHE A 265 -18.78 -20.50 -7.03
N TRP A 266 -18.93 -19.19 -6.87
CA TRP A 266 -19.70 -18.38 -7.80
C TRP A 266 -18.88 -18.14 -9.08
N PRO A 267 -19.52 -17.71 -10.17
CA PRO A 267 -20.89 -17.25 -10.39
C PRO A 267 -21.95 -18.29 -10.11
N ARG A 268 -23.20 -17.86 -10.28
CA ARG A 268 -24.33 -18.63 -9.82
C ARG A 268 -24.42 -20.05 -10.37
N GLU A 269 -24.28 -20.20 -11.68
CA GLU A 269 -24.44 -21.52 -12.26
C GLU A 269 -23.35 -22.44 -11.76
N ASN A 270 -22.15 -21.90 -11.57
CA ASN A 270 -21.05 -22.65 -10.99
C ASN A 270 -21.35 -23.07 -9.55
N CYS A 271 -21.98 -22.17 -8.80
CA CYS A 271 -22.25 -22.41 -7.40
C CYS A 271 -23.28 -23.51 -7.25
N VAL A 272 -24.38 -23.41 -7.99
CA VAL A 272 -25.39 -24.47 -8.05
C VAL A 272 -24.72 -25.80 -8.34
N GLN A 273 -23.80 -25.80 -9.29
CA GLN A 273 -23.15 -27.06 -9.67
C GLN A 273 -22.28 -27.59 -8.56
N THR A 274 -21.45 -26.72 -7.99
CA THR A 274 -20.56 -27.10 -6.93
C THR A 274 -21.38 -27.59 -5.71
N LEU A 275 -22.51 -26.94 -5.43
CA LEU A 275 -23.37 -27.39 -4.34
C LEU A 275 -23.98 -28.79 -4.57
N ARG A 276 -24.34 -29.10 -5.81
CA ARG A 276 -24.84 -30.44 -6.15
C ARG A 276 -23.72 -31.46 -5.99
N LYS A 277 -22.51 -31.12 -6.40
CA LYS A 277 -21.37 -32.03 -6.28
C LYS A 277 -20.89 -32.27 -4.84
N LEU A 278 -20.95 -31.25 -3.99
CA LEU A 278 -20.69 -31.44 -2.56
C LEU A 278 -21.72 -32.38 -1.98
N ARG A 279 -22.99 -32.15 -2.34
CA ARG A 279 -24.07 -33.01 -1.86
C ARG A 279 -23.72 -34.50 -2.11
N ALA A 280 -23.30 -34.79 -3.34
CA ALA A 280 -23.08 -36.14 -3.80
C ALA A 280 -21.81 -36.75 -3.23
N ALA A 281 -20.75 -35.97 -3.16
CA ALA A 281 -19.48 -36.47 -2.66
C ALA A 281 -19.59 -36.79 -1.18
N PHE A 282 -20.49 -36.09 -0.48
CA PHE A 282 -20.70 -36.24 0.95
C PHE A 282 -22.15 -36.66 1.26
N PRO A 283 -22.51 -37.88 0.84
CA PRO A 283 -23.90 -38.31 0.99
C PRO A 283 -24.34 -38.48 2.43
N ASN A 284 -23.39 -38.66 3.35
CA ASN A 284 -23.74 -38.82 4.76
C ASN A 284 -23.56 -37.58 5.65
N VAL A 285 -23.23 -36.44 5.05
CA VAL A 285 -23.19 -35.19 5.82
C VAL A 285 -24.59 -34.84 6.27
N ARG A 286 -24.71 -34.66 7.58
CA ARG A 286 -25.94 -34.20 8.19
C ARG A 286 -25.98 -32.67 8.07
N ARG A 287 -25.02 -31.97 8.67
CA ARG A 287 -24.95 -30.48 8.56
C ARG A 287 -23.71 -30.00 7.81
N PHE A 288 -23.91 -28.93 7.06
CA PHE A 288 -22.88 -28.26 6.30
C PHE A 288 -22.82 -26.83 6.80
N LEU A 289 -21.69 -26.47 7.42
CA LEU A 289 -21.49 -25.16 8.01
C LEU A 289 -20.66 -24.30 7.07
N LEU A 290 -21.23 -23.17 6.65
CA LEU A 290 -20.64 -22.35 5.59
C LEU A 290 -20.57 -20.92 6.07
N GLY A 291 -19.35 -20.44 6.29
CA GLY A 291 -19.12 -19.09 6.75
C GLY A 291 -18.40 -18.27 5.70
N ASP A 292 -18.88 -17.08 5.44
CA ASP A 292 -18.23 -16.22 4.46
C ASP A 292 -18.65 -14.80 4.67
N ALA A 293 -17.85 -13.91 4.11
CA ALA A 293 -18.26 -12.52 3.92
C ALA A 293 -18.91 -12.39 2.54
N THR A 294 -19.85 -11.46 2.47
CA THR A 294 -20.67 -11.21 1.29
C THR A 294 -20.57 -9.77 0.81
N ARG A 295 -20.96 -9.56 -0.45
CA ARG A 295 -20.99 -8.24 -1.04
C ARG A 295 -22.17 -7.48 -0.46
N THR A 296 -21.93 -6.25 -0.01
CA THR A 296 -23.01 -5.41 0.50
C THR A 296 -23.72 -4.67 -0.63
N VAL A 297 -24.87 -4.07 -0.29
CA VAL A 297 -25.61 -3.22 -1.24
C VAL A 297 -26.13 -1.96 -0.58
N GLY A 298 -25.89 -0.81 -1.21
CA GLY A 298 -26.51 0.44 -0.80
C GLY A 298 -25.98 1.15 0.43
N ILE A 299 -24.79 0.78 0.90
CA ILE A 299 -24.18 1.50 2.00
C ILE A 299 -23.63 2.78 1.42
N PRO A 300 -23.93 3.93 2.06
CA PRO A 300 -23.43 5.17 1.48
C PRO A 300 -21.91 5.27 1.58
N ASP A 301 -21.30 5.81 0.53
CA ASP A 301 -19.84 5.88 0.41
C ASP A 301 -19.09 6.37 1.65
N ARG A 302 -19.55 7.44 2.28
CA ARG A 302 -18.88 7.99 3.46
C ARG A 302 -19.20 7.25 4.75
N GLU A 303 -19.96 6.16 4.69
CA GLU A 303 -20.33 5.38 5.88
C GLU A 303 -19.94 3.93 5.72
N LEU A 304 -18.93 3.65 4.91
CA LEU A 304 -18.54 2.28 4.73
C LEU A 304 -17.81 1.87 5.97
N PRO A 305 -18.10 0.66 6.48
CA PRO A 305 -17.40 0.22 7.65
C PRO A 305 -16.08 -0.37 7.23
N VAL A 306 -15.29 -0.75 8.21
CA VAL A 306 -14.01 -1.37 7.95
C VAL A 306 -14.18 -2.65 7.09
N PHE A 307 -13.19 -2.94 6.26
CA PHE A 307 -13.12 -4.16 5.43
C PHE A 307 -13.94 -4.20 4.15
N THR A 308 -15.24 -3.86 4.27
CA THR A 308 -16.22 -3.93 3.16
C THR A 308 -15.66 -3.47 1.81
N LEU A 309 -15.04 -2.30 1.80
CA LEU A 309 -14.54 -1.73 0.55
C LEU A 309 -13.40 -2.57 0.00
N GLY A 310 -12.48 -3.00 0.88
CA GLY A 310 -11.29 -3.74 0.45
C GLY A 310 -11.65 -5.10 -0.09
N PHE A 311 -12.61 -5.74 0.56
CA PHE A 311 -13.06 -7.06 0.14
C PHE A 311 -13.72 -6.98 -1.22
N GLU A 312 -14.62 -6.03 -1.38
CA GLU A 312 -15.39 -5.92 -2.62
C GLU A 312 -14.52 -5.44 -3.76
N PHE A 313 -13.86 -4.31 -3.54
CA PHE A 313 -12.93 -3.75 -4.51
C PHE A 313 -11.85 -4.72 -4.95
N GLY A 314 -11.14 -5.32 -4.02
CA GLY A 314 -10.17 -6.37 -4.34
C GLY A 314 -10.73 -7.51 -5.20
N HIS A 315 -11.91 -8.02 -4.87
CA HIS A 315 -12.47 -9.13 -5.66
C HIS A 315 -12.88 -8.66 -7.02
N ASP A 316 -13.43 -7.45 -7.13
CA ASP A 316 -13.67 -6.89 -8.45
C ASP A 316 -12.38 -6.75 -9.25
N MET A 317 -11.31 -6.29 -8.62
CA MET A 317 -10.02 -6.25 -9.28
C MET A 317 -9.53 -7.66 -9.68
N MET A 318 -9.73 -8.67 -8.86
CA MET A 318 -9.21 -9.98 -9.22
C MET A 318 -10.10 -10.68 -10.24
N GLY A 319 -11.26 -10.12 -10.52
CA GLY A 319 -12.21 -10.75 -11.43
C GLY A 319 -12.95 -11.92 -10.81
N VAL A 320 -13.15 -11.88 -9.49
CA VAL A 320 -13.86 -12.93 -8.77
C VAL A 320 -15.22 -12.45 -8.35
N TYR A 321 -16.23 -13.27 -8.61
CA TYR A 321 -17.63 -12.94 -8.29
C TYR A 321 -17.81 -12.97 -6.79
N LEU A 322 -18.51 -11.97 -6.25
CA LEU A 322 -18.88 -11.92 -4.83
C LEU A 322 -20.39 -11.85 -4.66
N PRO A 323 -21.00 -12.88 -4.06
CA PRO A 323 -22.44 -12.83 -3.89
C PRO A 323 -22.89 -11.99 -2.72
N THR A 324 -24.10 -11.46 -2.86
CA THR A 324 -24.80 -10.83 -1.79
C THR A 324 -25.38 -11.94 -0.96
N LEU A 325 -25.79 -11.59 0.24
CA LEU A 325 -26.45 -12.54 1.11
C LEU A 325 -27.74 -13.12 0.46
N ASP A 326 -28.59 -12.28 -0.13
CA ASP A 326 -29.82 -12.75 -0.80
C ASP A 326 -29.55 -13.75 -1.96
N GLU A 327 -28.44 -13.54 -2.66
CA GLU A 327 -27.98 -14.46 -3.70
C GLU A 327 -27.68 -15.83 -3.09
N TRP A 328 -26.85 -15.86 -2.06
CA TRP A 328 -26.62 -17.07 -1.29
C TRP A 328 -27.95 -17.72 -0.88
N ASP A 329 -28.84 -16.94 -0.25
CA ASP A 329 -30.14 -17.48 0.22
C ASP A 329 -30.89 -18.12 -0.95
N GLY A 330 -30.81 -17.49 -2.11
CA GLY A 330 -31.53 -17.98 -3.27
C GLY A 330 -30.88 -19.12 -4.03
N VAL A 331 -29.70 -19.56 -3.66
CA VAL A 331 -29.03 -20.58 -4.41
C VAL A 331 -29.14 -21.97 -3.78
N PHE A 332 -29.43 -22.03 -2.48
CA PHE A 332 -29.28 -23.29 -1.73
C PHE A 332 -30.21 -24.39 -2.29
N GLU A 333 -31.48 -24.04 -2.53
CA GLU A 333 -32.45 -25.03 -2.99
C GLU A 333 -32.00 -25.70 -4.31
N GLU A 334 -31.75 -24.92 -5.36
CA GLU A 334 -31.29 -25.50 -6.62
C GLU A 334 -29.97 -26.28 -6.48
N GLY A 335 -29.15 -25.91 -5.51
CA GLY A 335 -27.89 -26.59 -5.26
C GLY A 335 -28.02 -27.89 -4.50
N GLY A 336 -29.20 -28.18 -3.97
CA GLY A 336 -29.45 -29.45 -3.27
C GLY A 336 -29.47 -29.35 -1.76
N TRP A 337 -29.59 -28.13 -1.23
CA TRP A 337 -29.59 -28.01 0.20
C TRP A 337 -30.67 -27.09 0.76
N ARG A 338 -30.91 -27.27 2.04
CA ARG A 338 -31.92 -26.60 2.80
C ARG A 338 -31.24 -25.84 3.93
N CYS A 339 -31.30 -24.52 3.89
CA CYS A 339 -30.78 -23.67 4.97
C CYS A 339 -31.73 -23.69 6.16
N VAL A 340 -31.22 -24.17 7.29
CA VAL A 340 -32.01 -24.37 8.49
C VAL A 340 -31.66 -23.43 9.61
N LYS A 341 -30.56 -22.70 9.48
CA LYS A 341 -30.07 -21.80 10.51
C LYS A 341 -29.09 -20.81 9.91
N LYS A 342 -29.26 -19.52 10.22
CA LYS A 342 -28.38 -18.50 9.73
C LYS A 342 -27.91 -17.61 10.91
N HIS A 343 -26.58 -17.39 11.03
CA HIS A 343 -26.01 -16.48 12.04
C HIS A 343 -25.41 -15.20 11.42
N ALA A 344 -25.80 -14.04 11.93
CA ALA A 344 -25.13 -12.80 11.56
C ALA A 344 -23.82 -12.72 12.31
N ILE A 345 -22.78 -12.21 11.66
CA ILE A 345 -21.45 -12.03 12.27
C ILE A 345 -21.24 -10.54 12.62
N ASP A 346 -20.64 -10.29 13.79
CA ASP A 346 -20.27 -8.94 14.24
C ASP A 346 -18.75 -8.67 14.11
N SER A 347 -18.33 -7.67 13.37
CA SER A 347 -18.98 -7.25 12.17
C SER A 347 -17.84 -7.02 11.16
N LEU A 348 -17.81 -7.94 10.22
CA LEU A 348 -16.82 -8.03 9.22
C LEU A 348 -17.61 -7.82 7.95
N SER A 349 -17.84 -6.55 7.62
CA SER A 349 -18.75 -6.18 6.55
C SER A 349 -20.07 -6.91 6.84
N VAL A 350 -20.74 -7.47 5.83
CA VAL A 350 -21.87 -8.36 6.10
C VAL A 350 -21.40 -9.80 5.93
N SER A 351 -21.26 -10.48 7.05
CA SER A 351 -20.77 -11.83 7.08
C SER A 351 -21.76 -12.68 7.86
N VAL A 352 -21.68 -13.97 7.61
CA VAL A 352 -22.72 -14.88 8.04
C VAL A 352 -22.16 -16.29 8.12
N VAL A 353 -22.81 -17.11 8.93
CA VAL A 353 -22.63 -18.56 8.89
C VAL A 353 -23.99 -19.20 8.57
N PHE A 354 -24.04 -20.01 7.52
CA PHE A 354 -25.25 -20.78 7.21
C PHE A 354 -25.05 -22.16 7.76
N GLU A 355 -26.13 -22.77 8.26
CA GLU A 355 -26.14 -24.21 8.55
C GLU A 355 -27.01 -24.85 7.50
N LEU A 356 -26.41 -25.66 6.63
CA LEU A 356 -27.14 -26.29 5.53
C LEU A 356 -27.37 -27.78 5.78
N GLU A 357 -28.50 -28.32 5.31
CA GLU A 357 -28.69 -29.77 5.35
C GLU A 357 -29.54 -30.29 4.18
N SER B 19 -8.53 21.66 16.99
CA SER B 19 -9.47 20.90 17.85
C SER B 19 -9.34 19.40 17.63
N HIS B 20 -8.12 18.95 17.38
CA HIS B 20 -7.97 17.54 16.99
C HIS B 20 -7.77 16.63 18.23
N MET B 21 -6.55 16.68 18.79
CA MET B 21 -5.92 15.71 19.72
C MET B 21 -6.64 15.12 20.97
N SER B 22 -7.90 14.69 20.91
CA SER B 22 -8.53 14.02 22.07
C SER B 22 -7.77 12.72 22.45
N THR B 23 -7.88 12.31 23.72
CA THR B 23 -7.32 11.02 24.19
C THR B 23 -8.40 9.96 24.44
N GLU B 24 -9.65 10.42 24.55
CA GLU B 24 -10.81 9.59 24.89
C GLU B 24 -11.93 9.88 23.89
N VAL B 25 -12.53 8.82 23.35
CA VAL B 25 -13.63 8.94 22.38
C VAL B 25 -14.71 7.88 22.59
N SER B 26 -15.89 8.15 22.04
CA SER B 26 -16.98 7.19 22.01
C SER B 26 -16.55 5.99 21.17
N GLU B 27 -17.20 4.85 21.37
CA GLU B 27 -16.93 3.72 20.51
C GLU B 27 -17.29 4.11 19.09
N ALA B 28 -18.41 4.79 18.91
CA ALA B 28 -18.87 5.18 17.58
C ALA B 28 -17.82 5.98 16.80
N GLN B 29 -17.17 6.91 17.50
CA GLN B 29 -16.17 7.75 16.87
C GLN B 29 -14.97 6.91 16.44
N ALA B 30 -14.56 5.98 17.28
CA ALA B 30 -13.39 5.18 17.00
C ALA B 30 -13.64 4.19 15.86
N ARG B 31 -14.86 3.65 15.80
CA ARG B 31 -15.25 2.82 14.67
C ARG B 31 -15.14 3.59 13.36
N ARG B 32 -15.72 4.79 13.34
CA ARG B 32 -15.70 5.63 12.16
C ARG B 32 -14.26 6.02 11.78
N ALA B 33 -13.46 6.32 12.79
CA ALA B 33 -12.07 6.73 12.57
C ALA B 33 -11.26 5.60 11.98
N VAL B 34 -11.40 4.41 12.55
CA VAL B 34 -10.66 3.26 12.07
C VAL B 34 -11.15 2.80 10.71
N ALA B 35 -12.43 2.90 10.45
CA ALA B 35 -12.96 2.64 9.13
C ALA B 35 -12.32 3.58 8.11
N ASP B 36 -12.21 4.84 8.49
CA ASP B 36 -11.66 5.88 7.63
C ASP B 36 -10.19 5.63 7.25
N ILE B 37 -9.41 5.14 8.21
CA ILE B 37 -8.03 4.82 7.96
C ILE B 37 -7.94 3.72 6.94
N PHE B 38 -8.84 2.75 7.10
CA PHE B 38 -8.86 1.58 6.22
C PHE B 38 -9.19 2.05 4.80
N ASN B 39 -10.28 2.79 4.65
CA ASN B 39 -10.71 3.29 3.34
C ASN B 39 -9.75 4.33 2.73
N SER B 40 -9.03 5.04 3.61
CA SER B 40 -8.02 5.98 3.17
C SER B 40 -6.93 5.27 2.36
N THR B 41 -6.63 4.04 2.78
CA THR B 41 -5.60 3.22 2.14
C THR B 41 -5.97 2.93 0.67
N LEU B 42 -7.22 2.59 0.46
CA LEU B 42 -7.71 2.28 -0.88
C LEU B 42 -7.83 3.55 -1.69
N ALA B 43 -8.33 4.62 -1.07
CA ALA B 43 -8.41 5.94 -1.72
C ALA B 43 -7.04 6.43 -2.13
N SER B 44 -6.09 6.30 -1.22
CA SER B 44 -4.71 6.72 -1.43
C SER B 44 -4.12 6.10 -2.70
N SER B 45 -4.12 4.77 -2.77
CA SER B 45 -3.69 4.04 -3.96
C SER B 45 -4.48 4.42 -5.23
N ALA B 46 -5.77 4.69 -5.05
CA ALA B 46 -6.65 5.03 -6.16
C ALA B 46 -6.32 6.38 -6.74
N ILE B 47 -5.82 7.30 -5.91
CA ILE B 47 -5.47 8.66 -6.40
C ILE B 47 -4.40 8.52 -7.47
N GLY B 48 -3.27 7.91 -7.12
CA GLY B 48 -2.21 7.64 -8.09
C GLY B 48 -2.69 6.89 -9.32
N ALA B 49 -3.60 5.93 -9.15
CA ALA B 49 -4.07 5.12 -10.30
C ALA B 49 -5.03 5.89 -11.20
N ALA B 50 -5.90 6.68 -10.59
CA ALA B 50 -6.84 7.49 -11.32
C ALA B 50 -6.06 8.58 -12.11
N TRP B 51 -4.97 9.08 -11.51
CA TRP B 51 -4.12 10.02 -12.22
C TRP B 51 -3.63 9.35 -13.48
N GLU B 52 -2.95 8.21 -13.33
CA GLU B 52 -2.25 7.54 -14.42
C GLU B 52 -3.19 6.99 -15.49
N LEU B 53 -4.45 6.69 -15.12
CA LEU B 53 -5.44 6.22 -16.09
C LEU B 53 -6.23 7.34 -16.76
N GLY B 54 -5.98 8.59 -16.38
CA GLY B 54 -6.62 9.74 -17.01
C GLY B 54 -7.83 10.31 -16.30
N ALA B 55 -8.32 9.63 -15.28
CA ALA B 55 -9.60 10.02 -14.68
C ALA B 55 -9.55 11.32 -13.87
N LEU B 56 -8.41 11.59 -13.23
CA LEU B 56 -8.31 12.84 -12.47
C LEU B 56 -8.34 14.04 -13.41
N ASP B 57 -7.79 13.87 -14.61
CA ASP B 57 -7.80 14.94 -15.62
C ASP B 57 -9.19 15.21 -16.19
N GLU B 58 -9.96 14.17 -16.52
CA GLU B 58 -11.35 14.38 -16.95
C GLU B 58 -12.15 15.11 -15.91
N LEU B 59 -12.04 14.68 -14.66
CA LEU B 59 -12.76 15.34 -13.55
C LEU B 59 -12.32 16.78 -13.32
N ARG B 60 -11.04 17.06 -13.54
CA ARG B 60 -10.49 18.42 -13.40
C ARG B 60 -11.09 19.31 -14.50
N GLU B 61 -11.11 18.78 -15.73
CA GLU B 61 -11.61 19.50 -16.89
C GLU B 61 -13.13 19.60 -16.87
N ASN B 62 -13.81 18.46 -16.92
CA ASN B 62 -15.25 18.42 -17.17
C ASN B 62 -16.08 18.52 -15.91
N GLY B 63 -15.44 18.38 -14.75
CA GLY B 63 -16.12 18.45 -13.45
C GLY B 63 -16.85 17.18 -13.01
N LYS B 64 -17.05 16.26 -13.95
CA LYS B 64 -17.95 15.12 -13.80
C LYS B 64 -17.57 14.10 -14.83
N LEU B 65 -17.96 12.85 -14.60
CA LEU B 65 -17.93 11.85 -15.66
C LEU B 65 -18.90 10.69 -15.44
N ASP B 66 -19.10 9.93 -16.51
CA ASP B 66 -20.00 8.79 -16.52
C ASP B 66 -19.16 7.52 -16.46
N VAL B 67 -19.33 6.73 -15.39
CA VAL B 67 -18.39 5.65 -15.10
C VAL B 67 -18.32 4.59 -16.21
N SER B 68 -19.46 4.17 -16.73
CA SER B 68 -19.49 3.16 -17.83
C SER B 68 -18.82 3.70 -19.09
N ASP B 69 -19.14 4.97 -19.41
CA ASP B 69 -18.52 5.65 -20.53
C ASP B 69 -16.99 5.71 -20.42
N PHE B 70 -16.51 6.02 -19.20
CA PHE B 70 -15.08 6.06 -18.92
C PHE B 70 -14.46 4.69 -19.11
N ALA B 71 -15.14 3.68 -18.58
CA ALA B 71 -14.62 2.31 -18.60
C ALA B 71 -14.48 1.78 -20.01
N VAL B 72 -15.44 2.13 -20.87
CA VAL B 72 -15.41 1.70 -22.27
C VAL B 72 -14.30 2.42 -23.04
N ARG B 73 -14.30 3.76 -22.97
CA ARG B 73 -13.32 4.57 -23.70
C ARG B 73 -11.90 4.07 -23.52
N HIS B 74 -11.52 3.81 -22.27
CA HIS B 74 -10.15 3.42 -21.94
C HIS B 74 -9.92 1.90 -21.90
N ASP B 75 -10.99 1.13 -22.10
CA ASP B 75 -10.94 -0.34 -22.19
C ASP B 75 -10.59 -0.99 -20.84
N LEU B 76 -11.38 -0.61 -19.85
CA LEU B 76 -11.17 -0.99 -18.46
C LEU B 76 -12.26 -1.93 -17.96
N HIS B 77 -11.90 -2.83 -17.07
CA HIS B 77 -12.84 -3.71 -16.37
C HIS B 77 -13.71 -2.87 -15.47
N GLU B 78 -14.98 -2.74 -15.85
CA GLU B 78 -15.89 -1.78 -15.22
C GLU B 78 -16.17 -1.99 -13.71
N PRO B 79 -16.28 -3.25 -13.26
CA PRO B 79 -16.48 -3.49 -11.82
C PRO B 79 -15.38 -2.88 -10.97
N ALA B 80 -14.15 -3.00 -11.46
CA ALA B 80 -12.98 -2.47 -10.78
C ALA B 80 -12.94 -0.94 -10.89
N VAL B 81 -13.35 -0.41 -12.04
CA VAL B 81 -13.44 1.02 -12.21
C VAL B 81 -14.45 1.62 -11.23
N VAL B 82 -15.57 0.92 -10.98
CA VAL B 82 -16.51 1.38 -9.94
C VAL B 82 -15.82 1.38 -8.57
N GLY B 83 -14.95 0.40 -8.37
CA GLY B 83 -14.25 0.24 -7.11
C GLY B 83 -13.34 1.40 -6.83
N MET B 84 -12.52 1.75 -7.82
CA MET B 84 -11.64 2.90 -7.75
C MET B 84 -12.39 4.18 -7.37
N PHE B 85 -13.50 4.47 -8.04
CA PHE B 85 -14.24 5.69 -7.75
C PHE B 85 -14.94 5.65 -6.41
N THR B 86 -15.41 4.48 -6.00
CA THR B 86 -16.02 4.32 -4.68
C THR B 86 -14.97 4.53 -3.57
N ALA B 87 -13.74 4.14 -3.86
CA ALA B 87 -12.65 4.33 -2.92
C ALA B 87 -12.37 5.83 -2.73
N LEU B 88 -12.25 6.54 -3.85
CA LEU B 88 -12.07 8.01 -3.82
C LEU B 88 -13.22 8.67 -3.09
N ALA B 89 -14.43 8.19 -3.35
CA ALA B 89 -15.63 8.70 -2.71
C ALA B 89 -15.75 8.36 -1.23
N SER B 90 -15.18 7.23 -0.79
CA SER B 90 -15.28 6.87 0.65
C SER B 90 -14.72 7.94 1.58
N VAL B 91 -13.87 8.81 1.04
CA VAL B 91 -13.20 9.83 1.82
C VAL B 91 -13.37 11.26 1.29
N GLY B 92 -14.20 11.45 0.26
CA GLY B 92 -14.65 12.80 -0.17
C GLY B 92 -13.89 13.45 -1.30
N ILE B 93 -13.08 12.67 -2.01
CA ILE B 93 -12.31 13.17 -3.13
C ILE B 93 -13.24 13.30 -4.32
N VAL B 94 -14.19 12.38 -4.40
CA VAL B 94 -15.26 12.49 -5.38
C VAL B 94 -16.58 12.10 -4.72
N ARG B 95 -17.63 12.20 -5.52
CA ARG B 95 -19.00 12.01 -5.03
C ARG B 95 -19.68 11.27 -6.16
N ARG B 96 -20.40 10.21 -5.80
CA ARG B 96 -21.03 9.33 -6.79
C ARG B 96 -22.52 9.59 -6.79
N GLU B 97 -23.07 9.68 -8.00
CA GLU B 97 -24.49 9.99 -8.21
C GLU B 97 -24.95 9.14 -9.38
N GLY B 98 -25.61 8.04 -9.05
CA GLY B 98 -26.08 7.12 -10.07
C GLY B 98 -24.90 6.61 -10.87
N ALA B 99 -24.91 6.86 -12.18
CA ALA B 99 -23.84 6.46 -13.10
C ALA B 99 -22.75 7.55 -13.20
N THR B 100 -22.92 8.62 -12.44
CA THR B 100 -22.04 9.77 -12.54
C THR B 100 -21.11 9.93 -11.33
N VAL B 101 -19.87 10.32 -11.63
CA VAL B 101 -18.94 10.77 -10.61
C VAL B 101 -18.62 12.25 -10.81
N VAL B 102 -18.83 13.02 -9.75
CA VAL B 102 -18.51 14.44 -9.77
C VAL B 102 -17.28 14.67 -8.88
N VAL B 103 -16.70 15.85 -8.94
CA VAL B 103 -15.63 16.19 -8.01
C VAL B 103 -16.21 16.50 -6.63
N GLY B 104 -15.50 16.08 -5.59
CA GLY B 104 -15.97 16.24 -4.21
C GLY B 104 -15.21 17.34 -3.50
N PRO B 105 -15.50 17.53 -2.20
CA PRO B 105 -14.96 18.65 -1.44
C PRO B 105 -13.44 18.66 -1.32
N TYR B 106 -12.80 17.54 -1.61
CA TYR B 106 -11.36 17.38 -1.42
C TYR B 106 -10.59 17.13 -2.71
N PHE B 107 -11.28 17.25 -3.84
CA PHE B 107 -10.69 16.96 -5.14
C PHE B 107 -9.45 17.79 -5.43
N ASP B 108 -9.52 19.10 -5.28
CA ASP B 108 -8.44 19.99 -5.78
C ASP B 108 -7.13 19.71 -5.05
N GLU B 109 -7.24 19.62 -3.73
CA GLU B 109 -6.09 19.33 -2.88
C GLU B 109 -5.50 17.97 -3.22
N ALA B 110 -6.35 16.96 -3.31
CA ALA B 110 -5.87 15.62 -3.58
C ALA B 110 -5.24 15.57 -4.95
N ASN B 111 -5.92 16.18 -5.91
CA ASN B 111 -5.39 16.24 -7.25
C ASN B 111 -4.07 17.02 -7.32
N HIS B 112 -3.97 18.11 -6.54
CA HIS B 112 -2.74 18.86 -6.51
C HIS B 112 -1.56 17.96 -6.09
N HIS B 113 -1.79 17.11 -5.09
CA HIS B 113 -0.77 16.24 -4.50
C HIS B 113 -0.79 14.82 -5.04
N ARG B 114 -1.33 14.64 -6.24
CA ARG B 114 -1.57 13.32 -6.75
C ARG B 114 -0.30 12.58 -7.06
N SER B 115 0.76 13.29 -7.44
CA SER B 115 2.06 12.64 -7.67
C SER B 115 2.67 12.12 -6.37
N LEU B 116 2.38 12.80 -5.26
CA LEU B 116 2.86 12.37 -3.94
C LEU B 116 2.22 11.05 -3.49
N PHE B 117 0.92 10.93 -3.77
CA PHE B 117 0.22 9.67 -3.52
C PHE B 117 0.73 8.53 -4.42
N HIS B 118 0.87 8.82 -5.72
CA HIS B 118 1.46 7.87 -6.66
C HIS B 118 2.84 7.41 -6.16
N TRP B 119 3.63 8.38 -5.72
CA TRP B 119 4.97 8.11 -5.25
C TRP B 119 4.88 7.17 -4.05
N LEU B 120 3.88 7.43 -3.20
CA LEU B 120 3.67 6.64 -2.00
C LEU B 120 3.25 5.19 -2.32
N ASN B 121 2.36 5.02 -3.28
CA ASN B 121 1.73 3.71 -3.50
C ASN B 121 2.38 2.97 -4.64
N GLN B 122 2.09 3.42 -5.86
CA GLN B 122 2.63 2.80 -7.07
C GLN B 122 4.14 2.74 -7.01
N GLY B 123 4.75 3.83 -6.59
CA GLY B 123 6.21 3.93 -6.55
C GLY B 123 6.85 3.17 -5.41
N SER B 124 6.37 3.41 -4.19
CA SER B 124 7.02 2.89 -2.99
C SER B 124 6.23 1.85 -2.18
N GLY B 125 5.08 1.43 -2.68
CA GLY B 125 4.25 0.47 -1.98
C GLY B 125 5.03 -0.74 -1.49
N GLU B 126 5.80 -1.37 -2.39
CA GLU B 126 6.51 -2.62 -2.02
C GLU B 126 7.33 -2.53 -0.73
N LEU B 127 7.89 -1.36 -0.48
CA LEU B 127 8.74 -1.16 0.68
C LEU B 127 7.87 -1.04 1.91
N PHE B 128 6.81 -0.25 1.82
CA PHE B 128 5.94 -0.03 2.98
C PHE B 128 5.12 -1.29 3.30
N ARG B 129 4.77 -2.05 2.29
CA ARG B 129 4.11 -3.32 2.51
C ARG B 129 4.99 -4.27 3.35
N ARG B 130 6.30 -4.24 3.11
CA ARG B 130 7.19 -5.20 3.75
C ARG B 130 7.81 -4.66 5.02
N MET B 131 7.20 -3.63 5.58
CA MET B 131 7.59 -3.14 6.90
C MET B 131 8.06 -4.24 7.87
N PRO B 132 7.29 -5.33 8.03
CA PRO B 132 7.73 -6.33 9.01
C PRO B 132 9.00 -7.12 8.64
N GLN B 133 9.30 -7.22 7.35
CA GLN B 133 10.51 -7.89 6.87
C GLN B 133 11.69 -6.93 6.85
N VAL B 134 11.42 -5.64 6.67
CA VAL B 134 12.45 -4.62 6.46
C VAL B 134 13.01 -4.07 7.78
N LEU B 135 12.16 -3.95 8.79
CA LEU B 135 12.60 -3.52 10.10
C LEU B 135 13.62 -4.43 10.83
N PRO B 136 13.56 -5.77 10.63
CA PRO B 136 14.54 -6.68 11.26
C PRO B 136 16.00 -6.52 10.79
N ASN B 137 16.92 -6.30 11.74
CA ASN B 137 18.35 -6.08 11.44
C ASN B 137 18.99 -7.22 10.66
N GLU B 138 18.65 -8.46 11.00
CA GLU B 138 19.22 -9.60 10.29
C GLU B 138 18.86 -9.57 8.80
N ASN B 139 17.78 -8.87 8.46
CA ASN B 139 17.35 -8.74 7.07
C ASN B 139 17.97 -7.58 6.30
N ARG B 140 18.62 -6.65 6.99
CA ARG B 140 19.08 -5.40 6.37
C ARG B 140 20.52 -5.42 5.85
N THR B 141 20.78 -6.26 4.84
CA THR B 141 21.99 -6.16 4.02
C THR B 141 21.70 -6.60 2.60
N GLY B 142 22.51 -6.06 1.68
CA GLY B 142 22.35 -6.34 0.27
C GLY B 142 21.07 -5.72 -0.22
N LYS B 143 20.42 -6.40 -1.16
CA LYS B 143 19.15 -5.95 -1.67
C LYS B 143 18.07 -6.46 -0.72
N PHE B 144 17.61 -5.60 0.19
CA PHE B 144 16.59 -6.03 1.17
C PHE B 144 15.22 -5.37 1.00
N TYR B 145 15.06 -4.61 -0.09
CA TYR B 145 13.77 -4.02 -0.44
C TYR B 145 13.70 -3.76 -1.94
N GLN B 146 12.49 -3.50 -2.42
CA GLN B 146 12.21 -3.23 -3.83
C GLN B 146 11.27 -2.04 -3.92
N ARG B 147 11.52 -1.15 -4.89
CA ARG B 147 10.52 -0.16 -5.34
C ARG B 147 10.44 -0.18 -6.86
N ASP B 148 9.39 0.43 -7.40
CA ASP B 148 9.12 0.43 -8.83
C ASP B 148 9.78 1.65 -9.48
N ALA B 149 10.99 1.45 -10.00
CA ALA B 149 11.81 2.51 -10.63
C ALA B 149 11.04 3.33 -11.69
N GLY B 150 10.37 2.64 -12.59
CA GLY B 150 9.55 3.26 -13.62
C GLY B 150 8.38 4.05 -13.08
N ALA B 151 7.78 3.58 -11.97
CA ALA B 151 6.68 4.29 -11.33
C ALA B 151 7.17 5.52 -10.57
N ILE B 152 8.32 5.40 -9.91
CA ILE B 152 8.93 6.53 -9.24
C ILE B 152 9.27 7.61 -10.27
N SER B 153 10.07 7.26 -11.27
CA SER B 153 10.37 8.15 -12.36
C SER B 153 9.15 8.89 -12.88
N TYR B 154 8.07 8.14 -13.09
CA TYR B 154 6.80 8.69 -13.55
C TYR B 154 6.24 9.73 -12.56
N ALA B 155 6.35 9.45 -11.27
CA ALA B 155 5.90 10.37 -10.25
C ALA B 155 6.85 11.59 -10.14
N CYS B 156 8.16 11.33 -10.12
CA CYS B 156 9.14 12.39 -9.86
C CYS B 156 9.16 13.43 -10.99
N ARG B 157 8.70 13.04 -12.18
CA ARG B 157 8.58 13.99 -13.28
C ARG B 157 7.60 15.10 -12.94
N GLU B 158 6.47 14.78 -12.33
CA GLU B 158 5.50 15.82 -11.99
C GLU B 158 5.83 16.48 -10.66
N ILE B 159 6.52 15.76 -9.78
CA ILE B 159 6.97 16.34 -8.52
C ILE B 159 7.92 17.49 -8.84
N SER B 160 8.94 17.18 -9.63
CA SER B 160 9.90 18.17 -10.13
C SER B 160 9.25 19.40 -10.76
N GLU B 161 8.25 19.19 -11.59
CA GLU B 161 7.58 20.29 -12.26
C GLU B 161 6.73 21.07 -11.29
N ARG B 162 5.76 20.41 -10.66
CA ARG B 162 4.74 21.12 -9.89
C ARG B 162 5.31 21.75 -8.61
N TYR B 163 6.34 21.14 -8.04
CA TYR B 163 6.84 21.62 -6.76
C TYR B 163 8.12 22.41 -6.87
N PHE B 164 9.04 22.01 -7.73
CA PHE B 164 10.33 22.71 -7.84
C PHE B 164 10.47 23.79 -8.91
N ASP B 165 9.62 23.83 -9.93
CA ASP B 165 9.84 24.76 -11.07
C ASP B 165 9.86 26.26 -10.74
N PRO B 166 8.85 26.79 -10.05
CA PRO B 166 8.86 28.21 -9.66
C PRO B 166 10.21 28.66 -9.12
N ALA B 167 10.71 27.94 -8.10
CA ALA B 167 11.93 28.32 -7.45
C ALA B 167 13.12 28.04 -8.37
N PHE B 168 13.03 26.98 -9.17
CA PHE B 168 14.10 26.71 -10.12
C PHE B 168 14.21 27.84 -11.11
N TRP B 169 13.08 28.29 -11.63
CA TRP B 169 13.08 29.37 -12.61
C TRP B 169 13.39 30.71 -11.98
N ALA B 170 12.90 30.93 -10.78
CA ALA B 170 13.25 32.12 -10.01
C ALA B 170 14.78 32.23 -9.87
N ALA B 171 15.42 31.13 -9.52
CA ALA B 171 16.87 31.11 -9.39
C ALA B 171 17.57 31.32 -10.73
N VAL B 172 17.03 30.78 -11.81
CA VAL B 172 17.58 31.02 -13.15
C VAL B 172 17.48 32.52 -13.54
N ASP B 173 16.34 33.13 -13.24
CA ASP B 173 16.17 34.58 -13.40
C ASP B 173 17.18 35.42 -12.63
N GLY B 174 17.64 34.94 -11.47
CA GLY B 174 18.61 35.68 -10.66
C GLY B 174 20.07 35.36 -10.94
N LEU B 175 20.35 34.65 -12.04
CA LEU B 175 21.73 34.24 -12.36
C LEU B 175 22.72 35.39 -12.54
N GLY B 176 22.29 36.45 -13.21
CA GLY B 176 23.16 37.60 -13.49
C GLY B 176 24.08 37.38 -14.69
N TYR B 177 23.99 36.19 -15.29
CA TYR B 177 24.66 35.86 -16.54
C TYR B 177 23.79 34.90 -17.32
N THR B 178 23.95 34.91 -18.64
CA THR B 178 23.28 33.97 -19.52
C THR B 178 24.24 32.81 -19.75
N PRO B 179 23.87 31.58 -19.30
CA PRO B 179 24.82 30.46 -19.41
C PRO B 179 25.03 29.93 -20.82
N THR B 180 26.07 29.09 -20.95
CA THR B 180 26.56 28.57 -22.23
C THR B 180 26.65 27.04 -22.25
N THR B 181 27.03 26.43 -21.13
CA THR B 181 27.05 24.99 -21.01
C THR B 181 26.63 24.58 -19.60
N VAL B 182 25.49 23.90 -19.50
CA VAL B 182 24.90 23.50 -18.21
C VAL B 182 24.93 21.99 -17.99
N ALA B 183 25.60 21.58 -16.91
CA ALA B 183 25.61 20.18 -16.49
C ALA B 183 24.56 19.98 -15.39
N ASP B 184 23.76 18.90 -15.51
CA ASP B 184 22.69 18.61 -14.56
C ASP B 184 22.92 17.27 -13.89
N LEU B 185 23.07 17.26 -12.56
CA LEU B 185 23.30 16.01 -11.82
C LEU B 185 21.97 15.32 -11.45
N GLY B 186 21.94 13.99 -11.57
CA GLY B 186 20.72 13.22 -11.43
C GLY B 186 19.69 13.67 -12.45
N SER B 187 20.10 13.68 -13.73
CA SER B 187 19.31 14.29 -14.81
C SER B 187 18.03 13.57 -15.23
N GLY B 188 17.91 12.27 -14.90
CA GLY B 188 16.71 11.47 -15.21
C GLY B 188 16.05 11.69 -16.58
N SER B 189 14.80 12.14 -16.56
CA SER B 189 14.06 12.37 -17.78
C SER B 189 14.85 13.23 -18.77
N GLY B 190 15.42 14.33 -18.28
CA GLY B 190 16.09 15.31 -19.15
C GLY B 190 15.24 16.55 -19.40
N GLU B 191 14.03 16.56 -18.87
CA GLU B 191 13.13 17.72 -18.99
C GLU B 191 13.76 19.02 -18.42
N ARG B 192 14.69 18.89 -17.47
CA ARG B 192 15.32 20.08 -16.88
C ARG B 192 16.17 20.76 -17.95
N LEU B 193 17.16 20.03 -18.45
CA LEU B 193 18.01 20.52 -19.53
C LEU B 193 17.19 20.99 -20.75
N ILE B 194 16.16 20.24 -21.10
CA ILE B 194 15.36 20.58 -22.26
C ILE B 194 14.73 21.96 -22.07
N GLN B 195 14.12 22.18 -20.91
CA GLN B 195 13.47 23.46 -20.62
C GLN B 195 14.46 24.62 -20.57
N ILE B 196 15.71 24.31 -20.23
CA ILE B 196 16.80 25.29 -20.27
C ILE B 196 17.03 25.69 -21.71
N ALA B 197 17.29 24.69 -22.55
CA ALA B 197 17.51 24.90 -23.99
C ALA B 197 16.56 25.95 -24.53
N ARG B 198 15.28 25.82 -24.23
CA ARG B 198 14.26 26.75 -24.71
C ARG B 198 14.39 28.18 -24.15
N ARG B 199 14.81 28.32 -22.91
CA ARG B 199 14.95 29.66 -22.31
C ARG B 199 16.14 30.39 -22.91
N PHE B 200 17.24 29.65 -23.13
CA PHE B 200 18.51 30.22 -23.57
C PHE B 200 18.91 29.63 -24.91
N PRO B 201 18.32 30.15 -26.01
CA PRO B 201 18.34 29.50 -27.31
C PRO B 201 19.56 28.61 -27.58
N GLY B 202 20.75 29.21 -27.61
CA GLY B 202 21.94 28.49 -28.09
C GLY B 202 22.59 27.50 -27.14
N VAL B 203 22.24 27.58 -25.86
CA VAL B 203 22.95 26.85 -24.79
C VAL B 203 23.07 25.35 -25.08
N ARG B 204 24.18 24.76 -24.64
CA ARG B 204 24.40 23.31 -24.71
C ARG B 204 24.26 22.72 -23.30
N GLY B 205 24.09 21.40 -23.20
CA GLY B 205 23.87 20.74 -21.91
C GLY B 205 24.43 19.34 -21.79
N LEU B 206 24.62 18.89 -20.55
CA LEU B 206 25.19 17.58 -20.28
C LEU B 206 24.60 16.89 -19.04
N GLY B 207 23.55 16.10 -19.22
CA GLY B 207 22.98 15.34 -18.10
C GLY B 207 23.90 14.26 -17.55
N VAL B 208 23.66 13.87 -16.31
CA VAL B 208 24.43 12.83 -15.63
C VAL B 208 23.50 12.01 -14.74
N ASP B 209 23.56 10.67 -14.90
CA ASP B 209 22.84 9.72 -14.03
C ASP B 209 23.74 8.56 -13.64
N ILE B 210 23.31 7.79 -12.65
CA ILE B 210 23.91 6.51 -12.27
C ILE B 210 22.96 5.39 -12.72
N ALA B 211 22.22 5.66 -13.80
CA ALA B 211 21.09 4.82 -14.22
C ALA B 211 20.97 4.83 -15.74
N ASP B 212 20.70 3.64 -16.28
CA ASP B 212 20.89 3.38 -17.70
C ASP B 212 19.66 3.81 -18.53
N GLY B 213 18.46 3.52 -18.02
CA GLY B 213 17.21 3.89 -18.69
C GLY B 213 16.88 5.37 -18.60
N ALA B 214 17.62 6.10 -17.76
CA ALA B 214 17.51 7.55 -17.72
C ALA B 214 18.20 8.14 -18.95
N ILE B 215 19.37 7.58 -19.29
CA ILE B 215 20.09 8.02 -20.46
C ILE B 215 19.19 7.89 -21.68
N ALA B 216 18.66 6.68 -21.88
CA ALA B 216 17.88 6.37 -23.06
C ALA B 216 16.58 7.17 -23.14
N MET B 217 15.83 7.20 -22.04
CA MET B 217 14.58 7.96 -21.98
C MET B 217 14.85 9.43 -22.32
N ALA B 218 16.00 9.95 -21.89
CA ALA B 218 16.35 11.34 -22.14
C ALA B 218 16.74 11.63 -23.60
N GLU B 219 17.74 10.91 -24.10
CA GLU B 219 18.16 11.03 -25.50
C GLU B 219 16.94 10.95 -26.44
N LYS B 220 16.06 9.98 -26.21
CA LYS B 220 14.84 9.86 -27.00
C LYS B 220 13.95 11.11 -26.88
N GLU B 221 13.79 11.62 -25.66
CA GLU B 221 12.95 12.79 -25.40
C GLU B 221 13.61 14.07 -25.91
N VAL B 222 14.94 14.12 -25.80
CA VAL B 222 15.74 15.20 -26.36
C VAL B 222 15.59 15.21 -27.88
N ALA B 223 15.93 14.09 -28.50
CA ALA B 223 15.77 13.91 -29.94
C ALA B 223 14.37 14.29 -30.38
N ALA B 224 13.38 13.99 -29.53
CA ALA B 224 11.97 14.26 -29.83
C ALA B 224 11.55 15.73 -29.85
N LYS B 225 12.43 16.62 -29.39
CA LYS B 225 12.09 18.05 -29.31
C LYS B 225 13.04 19.00 -30.06
N GLY B 226 14.06 18.44 -30.73
CA GLY B 226 14.93 19.21 -31.65
C GLY B 226 16.25 19.68 -31.05
N PHE B 227 16.68 19.05 -29.96
CA PHE B 227 17.88 19.45 -29.24
C PHE B 227 18.94 18.34 -29.24
N GLY B 228 18.90 17.48 -30.27
CA GLY B 228 19.85 16.37 -30.38
C GLY B 228 21.29 16.84 -30.55
N ASP B 229 21.45 17.84 -31.41
CA ASP B 229 22.76 18.47 -31.72
C ASP B 229 23.50 19.03 -30.50
N GLN B 230 22.75 19.48 -29.49
CA GLN B 230 23.33 20.05 -28.26
C GLN B 230 23.53 19.02 -27.16
N ILE B 231 22.42 18.55 -26.59
CA ILE B 231 22.41 17.94 -25.27
C ILE B 231 22.81 16.47 -25.30
N SER B 232 23.97 16.17 -24.71
CA SER B 232 24.43 14.78 -24.56
C SER B 232 24.39 14.37 -23.08
N PHE B 233 24.62 13.09 -22.79
CA PHE B 233 24.48 12.55 -21.43
C PHE B 233 25.63 11.65 -21.08
N VAL B 234 25.66 11.13 -19.85
CA VAL B 234 26.70 10.20 -19.42
C VAL B 234 26.29 9.38 -18.19
N ARG B 235 26.95 8.24 -18.02
CA ARG B 235 26.77 7.38 -16.84
C ARG B 235 27.87 7.67 -15.84
N GLY B 236 27.50 7.82 -14.58
CA GLY B 236 28.47 8.05 -13.52
C GLY B 236 27.79 8.43 -12.21
N ASP B 237 28.40 7.98 -11.12
CA ASP B 237 27.96 8.34 -9.77
C ASP B 237 28.44 9.75 -9.49
N ALA B 238 27.52 10.66 -9.20
CA ALA B 238 27.88 12.07 -9.06
C ALA B 238 28.66 12.38 -7.78
N ARG B 239 28.66 11.47 -6.82
CA ARG B 239 29.50 11.59 -5.63
C ARG B 239 31.00 11.41 -5.92
N THR B 240 31.31 10.75 -7.03
CA THR B 240 32.68 10.55 -7.47
C THR B 240 32.73 10.91 -8.96
N ILE B 241 32.50 12.19 -9.24
CA ILE B 241 32.41 12.70 -10.60
C ILE B 241 33.78 12.78 -11.28
N ASP B 242 34.84 13.00 -10.50
CA ASP B 242 36.21 12.92 -11.02
C ASP B 242 36.46 11.58 -11.74
N GLN B 243 35.90 10.51 -11.19
CA GLN B 243 35.95 9.18 -11.79
C GLN B 243 34.78 9.00 -12.77
N VAL B 244 34.79 9.82 -13.83
CA VAL B 244 33.82 9.73 -14.92
C VAL B 244 34.53 10.26 -16.17
N SER B 245 34.51 9.49 -17.25
CA SER B 245 35.37 9.76 -18.42
C SER B 245 35.03 11.04 -19.20
N ALA B 246 33.94 11.72 -18.83
CA ALA B 246 33.59 13.01 -19.45
C ALA B 246 34.34 14.21 -18.86
N ARG B 247 35.08 13.98 -17.77
CA ARG B 247 36.01 14.96 -17.17
C ARG B 247 36.40 16.16 -18.06
N GLY B 248 37.11 15.89 -19.15
CA GLY B 248 37.65 16.93 -20.04
C GLY B 248 36.71 18.07 -20.43
N GLU B 249 35.44 17.75 -20.65
CA GLU B 249 34.44 18.74 -21.05
C GLU B 249 33.89 19.56 -19.88
N PHE B 250 34.12 19.09 -18.65
CA PHE B 250 33.58 19.76 -17.47
C PHE B 250 34.15 21.17 -17.24
N ALA B 251 35.15 21.54 -18.02
CA ALA B 251 35.78 22.85 -17.90
C ALA B 251 34.95 23.97 -18.53
N GLU B 252 34.11 23.63 -19.51
CA GLU B 252 33.40 24.64 -20.30
C GLU B 252 32.05 25.01 -19.68
N VAL B 253 31.69 24.29 -18.61
CA VAL B 253 30.38 24.39 -17.96
C VAL B 253 30.33 25.60 -17.00
N ASP B 254 29.34 26.46 -17.19
CA ASP B 254 29.19 27.66 -16.36
C ASP B 254 27.92 27.68 -15.46
N LEU B 255 27.18 26.56 -15.45
CA LEU B 255 26.00 26.39 -14.61
C LEU B 255 25.75 24.92 -14.23
N LEU B 256 25.93 24.58 -12.97
CA LEU B 256 25.61 23.25 -12.46
C LEU B 256 24.17 23.27 -11.91
N THR B 257 23.48 22.13 -11.96
CA THR B 257 22.17 21.97 -11.31
C THR B 257 22.04 20.56 -10.71
N CYS B 258 21.21 20.43 -9.67
CA CYS B 258 21.07 19.16 -8.95
C CYS B 258 19.79 19.15 -8.12
N PHE B 259 18.76 18.49 -8.63
CA PHE B 259 17.45 18.49 -8.00
C PHE B 259 17.00 17.09 -7.60
N MET B 260 16.43 16.99 -6.41
CA MET B 260 15.82 15.75 -5.90
C MET B 260 16.80 14.59 -5.67
N MET B 261 18.08 14.88 -5.49
CA MET B 261 19.04 13.83 -5.17
C MET B 261 20.14 14.17 -4.18
N GLY B 262 20.23 15.42 -3.74
CA GLY B 262 21.32 15.85 -2.88
C GLY B 262 21.48 15.05 -1.60
N HIS B 263 20.38 14.54 -1.06
CA HIS B 263 20.37 13.79 0.22
C HIS B 263 21.18 12.49 0.14
N LEU B 264 21.44 12.03 -1.08
CA LEU B 264 22.24 10.85 -1.32
C LEU B 264 23.74 11.16 -1.12
N PHE B 265 24.14 12.40 -1.39
CA PHE B 265 25.52 12.84 -1.10
C PHE B 265 25.93 12.52 0.34
N TRP B 266 24.96 12.45 1.24
CA TRP B 266 25.26 12.25 2.64
C TRP B 266 25.60 10.77 2.86
N PRO B 267 26.17 10.41 4.03
CA PRO B 267 26.50 11.16 5.27
C PRO B 267 27.32 12.48 5.10
N ARG B 268 27.28 13.33 6.11
CA ARG B 268 27.90 14.68 6.09
C ARG B 268 29.27 14.74 5.46
N GLU B 269 30.14 13.83 5.90
CA GLU B 269 31.53 13.82 5.49
C GLU B 269 31.69 13.49 4.00
N ASN B 270 30.79 12.64 3.48
CA ASN B 270 30.78 12.28 2.07
C ASN B 270 30.21 13.43 1.22
N CYS B 271 29.42 14.29 1.87
CA CYS B 271 28.81 15.45 1.22
C CYS B 271 29.91 16.48 0.98
N VAL B 272 30.55 16.89 2.07
CA VAL B 272 31.75 17.73 2.05
C VAL B 272 32.67 17.31 0.90
N GLN B 273 33.01 16.03 0.86
CA GLN B 273 33.90 15.50 -0.16
C GLN B 273 33.31 15.72 -1.54
N THR B 274 32.07 15.27 -1.71
CA THR B 274 31.39 15.35 -3.00
C THR B 274 31.25 16.81 -3.48
N LEU B 275 30.87 17.71 -2.57
CA LEU B 275 30.82 19.13 -2.87
C LEU B 275 32.19 19.64 -3.33
N ARG B 276 33.24 19.28 -2.58
CA ARG B 276 34.63 19.67 -2.93
C ARG B 276 35.07 19.15 -4.28
N LYS B 277 34.75 17.90 -4.55
CA LYS B 277 35.16 17.25 -5.78
C LYS B 277 34.42 17.85 -6.95
N LEU B 278 33.15 18.21 -6.72
CA LEU B 278 32.33 18.89 -7.73
C LEU B 278 32.90 20.26 -8.02
N ARG B 279 33.41 20.90 -6.97
CA ARG B 279 33.96 22.24 -7.14
C ARG B 279 35.15 22.24 -8.11
N ALA B 280 36.09 21.31 -7.88
CA ALA B 280 37.27 21.15 -8.76
C ALA B 280 36.89 20.68 -10.15
N ALA B 281 35.98 19.72 -10.24
CA ALA B 281 35.57 19.17 -11.54
C ALA B 281 34.82 20.19 -12.40
N PHE B 282 34.16 21.15 -11.74
CA PHE B 282 33.48 22.26 -12.41
C PHE B 282 33.97 23.62 -11.88
N PRO B 283 35.22 23.99 -12.18
CA PRO B 283 35.78 25.20 -11.61
C PRO B 283 35.31 26.48 -12.30
N ASN B 284 34.76 26.36 -13.52
CA ASN B 284 34.20 27.52 -14.25
C ASN B 284 32.73 27.78 -13.94
N VAL B 285 32.14 26.93 -13.10
CA VAL B 285 30.77 27.16 -12.65
C VAL B 285 30.71 28.41 -11.77
N ARG B 286 29.89 29.36 -12.22
CA ARG B 286 29.54 30.53 -11.45
C ARG B 286 28.42 30.16 -10.47
N ARG B 287 27.28 29.68 -10.97
CA ARG B 287 26.17 29.27 -10.10
C ARG B 287 25.82 27.77 -10.12
N PHE B 288 25.53 27.26 -8.92
CA PHE B 288 25.16 25.88 -8.70
C PHE B 288 23.83 25.85 -7.97
N LEU B 289 22.78 25.43 -8.68
CA LEU B 289 21.44 25.41 -8.13
C LEU B 289 21.13 24.01 -7.64
N LEU B 290 20.97 23.89 -6.33
CA LEU B 290 20.73 22.64 -5.62
C LEU B 290 19.34 22.65 -4.98
N GLY B 291 18.51 21.66 -5.31
CA GLY B 291 17.13 21.60 -4.83
C GLY B 291 16.77 20.25 -4.27
N ASP B 292 16.17 20.23 -3.07
CA ASP B 292 15.81 18.97 -2.43
C ASP B 292 14.82 19.12 -1.26
N ALA B 293 14.30 17.98 -0.82
CA ALA B 293 13.50 17.89 0.39
C ALA B 293 14.41 17.55 1.53
N THR B 294 14.00 17.92 2.72
CA THR B 294 14.85 17.80 3.88
C THR B 294 14.03 17.14 4.96
N ARG B 295 14.71 16.62 5.98
CA ARG B 295 14.02 16.07 7.14
C ARG B 295 13.49 17.23 7.95
N THR B 296 12.25 17.08 8.44
CA THR B 296 11.66 18.02 9.38
C THR B 296 12.01 17.61 10.82
N VAL B 297 11.74 18.50 11.75
CA VAL B 297 12.04 18.27 13.16
C VAL B 297 10.98 18.93 13.98
N GLY B 298 10.42 18.18 14.93
CA GLY B 298 9.49 18.74 15.89
C GLY B 298 8.10 19.02 15.38
N ILE B 299 7.74 18.48 14.20
CA ILE B 299 6.37 18.60 13.75
C ILE B 299 5.55 17.59 14.58
N PRO B 300 4.41 18.03 15.16
CA PRO B 300 3.60 17.14 15.99
C PRO B 300 2.89 16.03 15.21
N ASP B 301 3.04 14.80 15.69
CA ASP B 301 2.42 13.62 15.12
C ASP B 301 1.07 13.84 14.44
N ARG B 302 0.13 14.52 15.09
CA ARG B 302 -1.20 14.75 14.51
C ARG B 302 -1.34 16.05 13.67
N GLU B 303 -0.21 16.65 13.32
CA GLU B 303 -0.23 17.84 12.48
C GLU B 303 0.74 17.71 11.32
N LEU B 304 1.10 16.49 10.97
CA LEU B 304 2.00 16.23 9.86
C LEU B 304 1.28 16.49 8.58
N PRO B 305 1.90 17.24 7.66
CA PRO B 305 1.26 17.46 6.38
C PRO B 305 1.56 16.32 5.40
N VAL B 306 1.07 16.47 4.19
CA VAL B 306 1.26 15.47 3.17
C VAL B 306 2.77 15.30 2.86
N PHE B 307 3.17 14.07 2.56
CA PHE B 307 4.53 13.72 2.10
C PHE B 307 5.58 13.49 3.21
N THR B 308 5.66 14.46 4.12
CA THR B 308 6.63 14.47 5.21
C THR B 308 6.85 13.09 5.82
N LEU B 309 5.76 12.49 6.30
CA LEU B 309 5.85 11.18 6.94
C LEU B 309 6.31 10.12 5.95
N GLY B 310 5.82 10.20 4.73
CA GLY B 310 6.18 9.23 3.72
C GLY B 310 7.66 9.27 3.43
N PHE B 311 8.14 10.48 3.18
CA PHE B 311 9.53 10.72 2.75
C PHE B 311 10.53 10.28 3.83
N GLU B 312 10.31 10.76 5.05
CA GLU B 312 11.22 10.49 6.13
C GLU B 312 11.16 9.02 6.52
N PHE B 313 9.96 8.49 6.75
CA PHE B 313 9.79 7.09 7.20
C PHE B 313 10.36 6.10 6.18
N GLY B 314 10.09 6.32 4.90
CA GLY B 314 10.62 5.44 3.84
C GLY B 314 12.15 5.49 3.75
N HIS B 315 12.72 6.67 3.93
CA HIS B 315 14.18 6.77 3.99
C HIS B 315 14.77 6.05 5.18
N ASP B 316 14.22 6.29 6.37
CA ASP B 316 14.56 5.49 7.54
C ASP B 316 14.48 3.98 7.29
N MET B 317 13.53 3.53 6.47
CA MET B 317 13.43 2.10 6.20
C MET B 317 14.51 1.66 5.23
N MET B 318 14.89 2.51 4.28
CA MET B 318 15.92 2.13 3.32
C MET B 318 17.34 2.24 3.89
N GLY B 319 17.46 2.77 5.11
CA GLY B 319 18.74 3.06 5.73
C GLY B 319 19.41 4.30 5.15
N VAL B 320 18.67 5.07 4.34
CA VAL B 320 19.24 6.22 3.66
C VAL B 320 19.12 7.42 4.58
N TYR B 321 20.17 8.23 4.61
CA TYR B 321 20.24 9.41 5.48
C TYR B 321 19.45 10.57 4.86
N LEU B 322 18.88 11.42 5.71
CA LEU B 322 18.16 12.59 5.24
C LEU B 322 18.57 13.80 6.05
N PRO B 323 19.31 14.70 5.40
CA PRO B 323 19.82 15.85 6.14
C PRO B 323 18.70 16.82 6.39
N THR B 324 18.69 17.42 7.56
CA THR B 324 17.77 18.48 7.85
C THR B 324 18.31 19.69 7.09
N LEU B 325 17.49 20.73 7.08
CA LEU B 325 17.82 21.96 6.41
C LEU B 325 19.05 22.63 7.04
N ASP B 326 19.16 22.60 8.37
CA ASP B 326 20.32 23.14 9.07
C ASP B 326 21.57 22.37 8.72
N GLU B 327 21.45 21.08 8.58
CA GLU B 327 22.61 20.28 8.22
C GLU B 327 23.16 20.69 6.85
N TRP B 328 22.28 21.02 5.89
CA TRP B 328 22.73 21.52 4.59
C TRP B 328 23.47 22.85 4.79
N ASP B 329 22.83 23.76 5.53
CA ASP B 329 23.35 25.10 5.75
C ASP B 329 24.79 25.03 6.26
N GLY B 330 25.01 24.23 7.30
CA GLY B 330 26.31 24.14 7.96
C GLY B 330 27.33 23.27 7.24
N VAL B 331 27.06 22.90 5.99
CA VAL B 331 27.97 22.05 5.21
C VAL B 331 28.63 22.75 4.02
N PHE B 332 28.10 23.91 3.60
CA PHE B 332 28.49 24.48 2.30
C PHE B 332 29.92 25.04 2.27
N GLU B 333 30.28 25.79 3.31
CA GLU B 333 31.62 26.37 3.44
C GLU B 333 32.62 25.27 3.23
N GLU B 334 32.60 24.30 4.15
CA GLU B 334 33.53 23.18 4.12
C GLU B 334 33.50 22.45 2.78
N GLY B 335 32.36 22.48 2.11
CA GLY B 335 32.23 21.88 0.81
C GLY B 335 32.91 22.69 -0.27
N GLY B 336 33.20 23.95 0.03
CA GLY B 336 33.85 24.86 -0.92
C GLY B 336 32.87 25.74 -1.68
N TRP B 337 31.72 26.00 -1.08
CA TRP B 337 30.67 26.75 -1.75
C TRP B 337 30.12 27.78 -0.79
N ARG B 338 29.47 28.78 -1.37
CA ARG B 338 28.84 29.84 -0.61
C ARG B 338 27.36 29.96 -1.04
N CYS B 339 26.48 29.97 -0.06
CA CYS B 339 25.06 30.07 -0.29
C CYS B 339 24.61 31.51 -0.35
N VAL B 340 24.13 31.95 -1.49
CA VAL B 340 23.83 33.36 -1.67
C VAL B 340 22.34 33.66 -1.75
N LYS B 341 21.53 32.63 -1.99
CA LYS B 341 20.09 32.76 -1.92
C LYS B 341 19.50 31.39 -1.63
N LYS B 342 18.38 31.41 -0.91
CA LYS B 342 17.71 30.18 -0.51
C LYS B 342 16.20 30.38 -0.72
N HIS B 343 15.52 29.37 -1.29
CA HIS B 343 14.08 29.44 -1.58
C HIS B 343 13.35 28.32 -0.86
N ALA B 344 12.25 28.67 -0.20
CA ALA B 344 11.36 27.66 0.36
C ALA B 344 10.35 27.18 -0.66
N ILE B 345 10.13 25.87 -0.71
CA ILE B 345 9.13 25.27 -1.60
C ILE B 345 7.75 25.23 -0.93
N ASP B 346 6.71 25.46 -1.75
CA ASP B 346 5.33 25.34 -1.31
C ASP B 346 4.69 24.05 -1.87
N SER B 347 4.22 23.16 -1.02
CA SER B 347 4.81 22.84 0.24
C SER B 347 4.87 21.33 0.17
N LEU B 348 6.07 20.89 -0.18
CA LEU B 348 6.45 19.54 -0.29
C LEU B 348 7.28 19.34 0.94
N SER B 349 6.59 19.18 2.07
CA SER B 349 7.23 19.02 3.38
C SER B 349 8.05 20.29 3.58
N VAL B 350 9.27 20.20 4.12
CA VAL B 350 10.24 21.32 4.05
C VAL B 350 11.22 21.02 2.93
N SER B 351 11.00 21.65 1.79
CA SER B 351 11.85 21.52 0.63
C SER B 351 12.41 22.90 0.25
N VAL B 352 13.56 22.89 -0.41
CA VAL B 352 14.35 24.09 -0.60
C VAL B 352 15.07 24.11 -1.95
N VAL B 353 15.34 25.33 -2.44
CA VAL B 353 16.35 25.55 -3.48
C VAL B 353 17.45 26.49 -3.01
N PHE B 354 18.70 26.00 -3.00
CA PHE B 354 19.87 26.80 -2.67
C PHE B 354 20.56 27.31 -3.93
N GLU B 355 20.88 28.61 -3.95
CA GLU B 355 21.68 29.20 -5.03
C GLU B 355 23.11 29.31 -4.54
N LEU B 356 23.95 28.39 -4.98
CA LEU B 356 25.31 28.34 -4.48
C LEU B 356 26.24 28.98 -5.49
N GLU B 357 27.43 29.37 -5.02
CA GLU B 357 28.48 29.90 -5.86
C GLU B 357 29.85 29.79 -5.17
N SAH C . -11.00 -21.90 5.99
CA SAH C . -9.72 -21.67 6.75
CB SAH C . -8.65 -20.97 5.92
CG SAH C . -9.23 -20.00 4.89
SD SAH C . -7.91 -19.32 3.92
C SAH C . -10.03 -20.94 8.04
O SAH C . -11.20 -20.91 8.45
OXT SAH C . -9.14 -20.37 8.71
C5' SAH C . -8.47 -19.74 2.31
C4' SAH C . -8.02 -21.17 2.08
O4' SAH C . -8.80 -21.85 1.09
C3' SAH C . -6.57 -21.26 1.64
O3' SAH C . -5.93 -22.25 2.44
C2' SAH C . -6.60 -21.68 0.18
O2' SAH C . -5.49 -22.48 -0.25
C1' SAH C . -7.89 -22.46 0.17
N9 SAH C . -8.55 -22.48 -1.14
C8 SAH C . -8.71 -21.48 -2.04
N7 SAH C . -9.41 -21.93 -3.11
C5 SAH C . -9.70 -23.24 -2.87
C6 SAH C . -10.39 -24.34 -3.57
N6 SAH C . -10.94 -24.15 -4.77
N1 SAH C . -10.45 -25.53 -2.96
C2 SAH C . -9.91 -25.76 -1.74
N3 SAH C . -9.25 -24.81 -1.05
C4 SAH C . -9.12 -23.57 -1.57
OAL 56D D . -8.37 -13.13 0.72
CAI 56D D . -9.45 -13.18 0.08
OAM 56D D . -9.47 -13.01 -1.14
CAH 56D D . -10.75 -13.43 0.83
OAK 56D D . -11.83 -13.50 0.23
CAG 56D D . -10.56 -13.67 2.34
CAJ 56D D . -9.91 -15.07 2.55
CAD 56D D . -11.70 -13.50 3.15
CAC 56D D . -11.63 -12.68 4.27
CAB 56D D . -12.73 -12.51 5.11
CAA 56D D . -13.92 -13.17 4.83
CAF 56D D . -14.00 -14.01 3.72
CAE 56D D . -12.90 -14.17 2.88
FE FE E . -11.49 -14.36 -1.73
C HF2 F . -32.36 -18.04 4.11
O HF2 F . -32.75 -18.36 2.98
CA HF2 F . -31.09 -18.59 4.68
OA HF2 F . -30.19 -18.82 3.60
CB HF2 F . -31.20 -19.90 5.47
CG HF2 F . -32.34 -20.00 6.46
CZ HF2 F . -34.42 -20.26 8.32
CD1 HF2 F . -33.67 -20.01 6.04
CD2 HF2 F . -32.05 -20.15 7.82
CE1 HF2 F . -34.70 -20.14 6.96
CE2 HF2 F . -33.09 -20.28 8.74
OXT HF2 F . -32.97 -17.21 4.80
CA CA G . -9.26 -31.63 -8.01
CA CA H . -33.03 -13.29 1.50
CA CA I . -13.90 -40.40 -1.97
O1 OXY J . -9.99 -15.84 -3.08
O2 OXY J . -10.11 -15.02 -3.98
N SAH K . 16.47 16.03 -11.57
CA SAH K . 15.28 15.33 -12.14
CB SAH K . 14.75 14.30 -11.17
CG SAH K . 15.83 13.28 -10.92
SD SAH K . 15.12 11.87 -10.15
C SAH K . 14.16 16.30 -12.37
O SAH K . 13.47 16.28 -13.40
OXT SAH K . 13.94 17.13 -11.51
C5' SAH K . 16.56 11.07 -9.54
C4' SAH K . 17.53 10.77 -10.68
O4' SAH K . 18.85 10.87 -10.17
C3' SAH K . 17.37 9.38 -11.25
O3' SAH K . 17.47 9.50 -12.68
C2' SAH K . 18.51 8.58 -10.62
O2' SAH K . 18.98 7.50 -11.42
C1' SAH K . 19.58 9.67 -10.45
N9 SAH K . 20.57 9.44 -9.38
C8 SAH K . 20.33 9.07 -8.12
N7 SAH K . 21.50 8.96 -7.43
C5 SAH K . 22.50 9.29 -8.26
C6 SAH K . 23.97 9.39 -8.18
N6 SAH K . 24.61 9.11 -7.03
N1 SAH K . 24.63 9.78 -9.31
C2 SAH K . 23.99 10.06 -10.46
N3 SAH K . 22.66 9.97 -10.60
C4 SAH K . 21.87 9.61 -9.55
OAL 56D L . 13.56 8.22 -2.55
CAI 56D L . 12.88 8.98 -3.26
OAM 56D L . 12.00 8.52 -4.01
CAH 56D L . 13.12 10.47 -3.19
OAK 56D L . 14.01 10.95 -2.51
CAG 56D L . 12.27 11.27 -4.15
CAJ 56D L . 12.93 11.18 -5.55
CAD 56D L . 12.08 12.61 -3.78
CAC 56D L . 10.78 13.13 -3.77
CAB 56D L . 10.57 14.46 -3.44
CAA 56D L . 11.63 15.29 -3.15
CAF 56D L . 12.92 14.79 -3.17
CAE 56D L . 13.15 13.46 -3.50
FE FE M . 15.61 9.55 -1.80
C HF2 N . 22.00 29.31 4.84
O HF2 N . 21.02 29.73 5.53
CA HF2 N . 21.76 28.90 3.40
OA HF2 N . 22.47 27.67 3.18
CB HF2 N . 22.21 29.83 2.25
CG HF2 N . 22.17 31.31 2.56
CZ HF2 N . 22.14 34.05 3.06
CD1 HF2 N . 22.98 31.86 3.55
CD2 HF2 N . 21.38 32.15 1.81
CE1 HF2 N . 22.95 33.22 3.80
CE2 HF2 N . 21.35 33.50 2.07
OXT HF2 N . 23.16 29.18 5.33
CA CA O . 20.06 28.02 8.40
O1 OXY P . 16.75 7.72 -2.81
O2 OXY P . 16.61 8.54 -3.72
#